data_2NC4
#
_entry.id   2NC4
#
loop_
_entity.id
_entity.type
_entity.pdbx_description
1 polymer 'Pin1 WW Domain'
2 non-polymer beta-D-galactopyranose
#
_entity_poly.entity_id   1
_entity_poly.type   'polypeptide(L)'
_entity_poly.pdbx_seq_one_letter_code
;KLPPGWEKRMFANGTVYYFNHITNASQFERPSG
;
_entity_poly.pdbx_strand_id   A
#
# COMPACT_ATOMS: atom_id res chain seq x y z
N LYS A 1 3.12 -8.43 9.20
CA LYS A 1 3.05 -8.46 7.72
C LYS A 1 3.66 -7.20 7.10
N LEU A 2 2.97 -6.05 7.20
CA LEU A 2 3.39 -4.73 6.68
C LEU A 2 3.70 -3.75 7.83
N PRO A 3 4.41 -2.62 7.57
CA PRO A 3 4.70 -1.60 8.59
C PRO A 3 3.45 -0.82 9.05
N PRO A 4 3.54 0.02 10.10
CA PRO A 4 2.39 0.73 10.68
C PRO A 4 1.57 1.52 9.65
N GLY A 5 0.26 1.22 9.59
CA GLY A 5 -0.72 1.84 8.69
C GLY A 5 -0.77 1.29 7.26
N TRP A 6 0.23 0.53 6.81
CA TRP A 6 0.26 -0.05 5.46
C TRP A 6 -0.64 -1.28 5.28
N GLU A 7 -1.30 -1.38 4.13
CA GLU A 7 -2.10 -2.53 3.68
C GLU A 7 -2.14 -2.60 2.14
N LYS A 8 -2.32 -3.81 1.58
CA LYS A 8 -2.49 -3.99 0.12
C LYS A 8 -3.79 -3.35 -0.42
N ARG A 9 -3.70 -2.84 -1.63
CA ARG A 9 -4.76 -2.13 -2.37
C ARG A 9 -4.64 -2.44 -3.88
N MET A 10 -5.66 -2.09 -4.68
CA MET A 10 -5.72 -2.49 -6.09
C MET A 10 -6.56 -1.51 -6.94
N PHE A 11 -6.04 -1.19 -8.12
CA PHE A 11 -6.68 -0.36 -9.15
C PHE A 11 -7.83 -1.06 -9.90
N ALA A 12 -8.71 -0.29 -10.55
CA ALA A 12 -9.85 -0.81 -11.32
C ALA A 12 -9.44 -1.70 -12.53
N ASN A 13 -8.22 -1.54 -13.04
CA ASN A 13 -7.63 -2.39 -14.09
C ASN A 13 -7.05 -3.73 -13.58
N GLY A 14 -7.06 -4.00 -12.27
CA GLY A 14 -6.51 -5.21 -11.65
C GLY A 14 -5.03 -5.13 -11.25
N THR A 15 -4.47 -3.93 -11.09
CA THR A 15 -3.07 -3.70 -10.68
C THR A 15 -2.96 -3.52 -9.17
N VAL A 16 -2.13 -4.31 -8.50
CA VAL A 16 -1.98 -4.32 -7.03
C VAL A 16 -0.82 -3.40 -6.63
N TYR A 17 -1.00 -2.72 -5.49
CA TYR A 17 -0.02 -1.81 -4.89
C TYR A 17 -0.21 -1.80 -3.35
N TYR A 18 0.61 -1.02 -2.65
CA TYR A 18 0.58 -0.85 -1.19
C TYR A 18 0.13 0.57 -0.82
N PHE A 19 -0.71 0.69 0.21
CA PHE A 19 -1.32 1.95 0.63
C PHE A 19 -1.34 2.14 2.16
N ASN A 20 -0.95 3.32 2.64
CA ASN A 20 -0.97 3.65 4.06
C ASN A 20 -2.26 4.40 4.42
N HIS A 21 -3.13 3.80 5.25
CA HIS A 21 -4.42 4.39 5.63
C HIS A 21 -4.28 5.56 6.62
N ILE A 22 -3.18 5.61 7.38
CA ILE A 22 -2.89 6.63 8.41
C ILE A 22 -2.33 7.91 7.78
N THR A 23 -1.44 7.75 6.78
CA THR A 23 -0.64 8.83 6.17
C THR A 23 -1.01 9.21 4.73
N ASN A 24 -1.89 8.42 4.10
CA ASN A 24 -2.26 8.49 2.68
C ASN A 24 -1.10 8.28 1.68
N ALA A 25 0.07 7.79 2.15
CA ALA A 25 1.17 7.38 1.27
C ALA A 25 0.82 6.14 0.43
N SER A 26 1.48 5.98 -0.72
CA SER A 26 1.30 4.84 -1.64
C SER A 26 2.61 4.39 -2.29
N GLN A 27 2.76 3.09 -2.57
CA GLN A 27 3.94 2.50 -3.22
C GLN A 27 3.60 1.29 -4.12
N PHE A 28 4.28 1.19 -5.25
CA PHE A 28 4.25 -0.01 -6.11
C PHE A 28 5.13 -1.18 -5.62
N GLU A 29 6.09 -0.88 -4.75
CA GLU A 29 7.01 -1.82 -4.09
C GLU A 29 6.70 -1.98 -2.59
N ARG A 30 6.94 -3.17 -2.04
CA ARG A 30 6.61 -3.54 -0.65
C ARG A 30 7.30 -2.61 0.38
N PRO A 31 6.55 -1.92 1.26
CA PRO A 31 7.06 -0.85 2.13
C PRO A 31 7.82 -1.36 3.36
N SER A 32 8.68 -0.52 3.94
CA SER A 32 9.50 -0.82 5.13
C SER A 32 9.48 0.27 6.21
N GLY A 33 8.59 1.27 6.09
CA GLY A 33 8.41 2.39 7.04
C GLY A 33 7.57 3.53 6.49
N LYS A 1 2.26 -8.64 9.12
CA LYS A 1 2.19 -8.64 7.62
C LYS A 1 2.94 -7.44 7.03
N LEU A 2 2.35 -6.25 7.09
CA LEU A 2 2.89 -4.98 6.60
C LEU A 2 3.34 -4.04 7.75
N PRO A 3 4.13 -2.98 7.47
CA PRO A 3 4.54 -1.99 8.47
C PRO A 3 3.36 -1.12 8.97
N PRO A 4 3.54 -0.30 10.03
CA PRO A 4 2.46 0.47 10.64
C PRO A 4 1.64 1.34 9.66
N GLY A 5 0.33 1.10 9.62
CA GLY A 5 -0.64 1.81 8.78
C GLY A 5 -0.78 1.31 7.34
N TRP A 6 0.15 0.50 6.82
CA TRP A 6 0.12 -0.02 5.45
C TRP A 6 -0.89 -1.17 5.24
N GLU A 7 -1.53 -1.21 4.07
CA GLU A 7 -2.42 -2.28 3.61
C GLU A 7 -2.40 -2.43 2.07
N LYS A 8 -2.60 -3.65 1.56
CA LYS A 8 -2.70 -3.94 0.12
C LYS A 8 -3.99 -3.40 -0.51
N ARG A 9 -3.86 -2.85 -1.72
CA ARG A 9 -4.93 -2.30 -2.56
C ARG A 9 -4.80 -2.83 -4.00
N MET A 10 -5.79 -2.54 -4.84
CA MET A 10 -5.77 -2.93 -6.27
C MET A 10 -6.66 -2.00 -7.11
N PHE A 11 -6.13 -1.57 -8.26
CA PHE A 11 -6.81 -0.79 -9.29
C PHE A 11 -7.88 -1.57 -10.10
N ALA A 12 -8.79 -0.86 -10.76
CA ALA A 12 -9.84 -1.46 -11.60
C ALA A 12 -9.29 -2.24 -12.82
N ASN A 13 -8.05 -1.93 -13.26
CA ASN A 13 -7.32 -2.66 -14.31
C ASN A 13 -6.65 -3.97 -13.84
N GLY A 14 -6.70 -4.29 -12.54
CA GLY A 14 -6.06 -5.48 -11.94
C GLY A 14 -4.61 -5.29 -11.46
N THR A 15 -4.16 -4.04 -11.24
CA THR A 15 -2.81 -3.71 -10.77
C THR A 15 -2.80 -3.55 -9.24
N VAL A 16 -1.91 -4.25 -8.54
CA VAL A 16 -1.83 -4.27 -7.07
C VAL A 16 -0.79 -3.23 -6.61
N TYR A 17 -1.08 -2.57 -5.49
CA TYR A 17 -0.19 -1.59 -4.85
C TYR A 17 -0.42 -1.60 -3.32
N TYR A 18 0.32 -0.75 -2.61
CA TYR A 18 0.30 -0.61 -1.15
C TYR A 18 -0.09 0.82 -0.76
N PHE A 19 -0.90 0.98 0.29
CA PHE A 19 -1.40 2.27 0.77
C PHE A 19 -1.36 2.39 2.30
N ASN A 20 -0.90 3.53 2.82
CA ASN A 20 -0.86 3.81 4.25
C ASN A 20 -2.08 4.64 4.68
N HIS A 21 -2.96 4.06 5.51
CA HIS A 21 -4.20 4.73 5.95
C HIS A 21 -3.95 5.86 6.98
N ILE A 22 -2.83 5.81 7.69
CA ILE A 22 -2.44 6.78 8.73
C ILE A 22 -1.81 8.04 8.13
N THR A 23 -0.97 7.86 7.10
CA THR A 23 -0.13 8.90 6.48
C THR A 23 -0.52 9.35 5.07
N ASN A 24 -1.48 8.65 4.45
CA ASN A 24 -1.91 8.79 3.06
C ASN A 24 -0.81 8.53 2.00
N ALA A 25 0.34 7.96 2.39
CA ALA A 25 1.38 7.51 1.46
C ALA A 25 0.92 6.32 0.60
N SER A 26 1.50 6.17 -0.60
CA SER A 26 1.26 5.03 -1.51
C SER A 26 2.55 4.56 -2.20
N GLN A 27 2.63 3.26 -2.51
CA GLN A 27 3.77 2.64 -3.21
C GLN A 27 3.34 1.49 -4.13
N PHE A 28 3.96 1.40 -5.31
CA PHE A 28 3.84 0.23 -6.20
C PHE A 28 4.67 -0.99 -5.77
N GLU A 29 5.67 -0.76 -4.90
CA GLU A 29 6.57 -1.74 -4.29
C GLU A 29 6.31 -1.93 -2.79
N ARG A 30 6.55 -3.14 -2.28
CA ARG A 30 6.33 -3.57 -0.89
C ARG A 30 7.05 -2.65 0.13
N PRO A 31 6.32 -1.98 1.05
CA PRO A 31 6.90 -1.07 2.03
C PRO A 31 7.63 -1.78 3.19
N SER A 32 8.55 -1.05 3.84
CA SER A 32 9.33 -1.51 5.02
C SER A 32 9.25 -0.57 6.23
N GLY A 33 8.54 0.57 6.13
CA GLY A 33 8.36 1.57 7.20
C GLY A 33 7.74 2.87 6.70
N LYS A 1 3.84 -8.50 9.37
CA LYS A 1 3.09 -7.97 8.20
C LYS A 1 3.79 -6.71 7.63
N LEU A 2 3.07 -5.93 6.81
CA LEU A 2 3.47 -4.59 6.33
C LEU A 2 3.64 -3.59 7.51
N PRO A 3 4.37 -2.47 7.34
CA PRO A 3 4.66 -1.53 8.42
C PRO A 3 3.40 -0.80 8.95
N PRO A 4 3.51 0.01 10.03
CA PRO A 4 2.37 0.71 10.64
C PRO A 4 1.53 1.53 9.64
N GLY A 5 0.23 1.22 9.58
CA GLY A 5 -0.74 1.83 8.68
C GLY A 5 -0.80 1.27 7.25
N TRP A 6 0.21 0.52 6.80
CA TRP A 6 0.25 -0.08 5.46
C TRP A 6 -0.61 -1.34 5.30
N GLU A 7 -1.30 -1.45 4.16
CA GLU A 7 -2.09 -2.60 3.71
C GLU A 7 -2.09 -2.68 2.17
N LYS A 8 -2.31 -3.87 1.60
CA LYS A 8 -2.51 -4.04 0.14
C LYS A 8 -3.79 -3.36 -0.37
N ARG A 9 -3.71 -2.83 -1.59
CA ARG A 9 -4.78 -2.13 -2.32
C ARG A 9 -4.67 -2.43 -3.82
N MET A 10 -5.67 -2.07 -4.63
CA MET A 10 -5.75 -2.47 -6.04
C MET A 10 -6.57 -1.49 -6.87
N PHE A 11 -6.04 -1.16 -8.05
CA PHE A 11 -6.66 -0.31 -9.07
C PHE A 11 -7.83 -0.96 -9.84
N ALA A 12 -8.66 -0.15 -10.50
CA ALA A 12 -9.80 -0.61 -11.31
C ALA A 12 -9.41 -1.50 -12.52
N ASN A 13 -8.16 -1.38 -12.99
CA ASN A 13 -7.55 -2.22 -14.03
C ASN A 13 -7.06 -3.61 -13.52
N GLY A 14 -7.12 -3.87 -12.21
CA GLY A 14 -6.66 -5.11 -11.57
C GLY A 14 -5.18 -5.14 -11.15
N THR A 15 -4.51 -3.97 -11.06
CA THR A 15 -3.09 -3.88 -10.67
C THR A 15 -3.02 -3.60 -9.17
N VAL A 16 -2.20 -4.38 -8.45
CA VAL A 16 -2.06 -4.34 -6.98
C VAL A 16 -0.89 -3.43 -6.59
N TYR A 17 -1.04 -2.74 -5.46
CA TYR A 17 -0.04 -1.85 -4.86
C TYR A 17 -0.21 -1.84 -3.32
N TYR A 18 0.62 -1.07 -2.62
CA TYR A 18 0.61 -0.90 -1.17
C TYR A 18 0.16 0.52 -0.80
N PHE A 19 -0.69 0.65 0.21
CA PHE A 19 -1.30 1.91 0.63
C PHE A 19 -1.34 2.10 2.15
N ASN A 20 -0.96 3.29 2.64
CA ASN A 20 -1.00 3.63 4.05
C ASN A 20 -2.30 4.38 4.40
N HIS A 21 -3.15 3.77 5.23
CA HIS A 21 -4.45 4.36 5.60
C HIS A 21 -4.32 5.54 6.58
N ILE A 22 -3.23 5.61 7.34
CA ILE A 22 -2.95 6.65 8.36
C ILE A 22 -2.39 7.92 7.71
N THR A 23 -1.51 7.76 6.72
CA THR A 23 -0.71 8.83 6.10
C THR A 23 -1.08 9.19 4.65
N ASN A 24 -1.95 8.39 4.02
CA ASN A 24 -2.32 8.45 2.60
C ASN A 24 -1.15 8.22 1.61
N ALA A 25 0.01 7.73 2.08
CA ALA A 25 1.13 7.33 1.23
C ALA A 25 0.80 6.09 0.38
N SER A 26 1.47 5.94 -0.76
CA SER A 26 1.26 4.84 -1.73
C SER A 26 2.57 4.41 -2.41
N GLN A 27 2.75 3.12 -2.67
CA GLN A 27 3.93 2.55 -3.34
C GLN A 27 3.61 1.25 -4.10
N PHE A 28 4.32 1.04 -5.22
CA PHE A 28 4.33 -0.22 -5.96
C PHE A 28 5.27 -1.29 -5.40
N GLU A 29 6.38 -0.85 -4.78
CA GLU A 29 7.34 -1.69 -4.04
C GLU A 29 6.86 -1.94 -2.60
N ARG A 30 7.17 -3.11 -2.02
CA ARG A 30 6.81 -3.44 -0.64
C ARG A 30 7.44 -2.45 0.37
N PRO A 31 6.65 -1.73 1.18
CA PRO A 31 7.13 -0.62 2.02
C PRO A 31 7.95 -1.09 3.23
N SER A 32 8.99 -0.33 3.58
CA SER A 32 9.84 -0.56 4.77
C SER A 32 9.40 0.24 6.01
N GLY A 33 8.65 1.34 5.82
CA GLY A 33 8.18 2.24 6.88
C GLY A 33 7.46 3.48 6.34
N LYS A 1 3.08 -8.63 8.88
CA LYS A 1 3.24 -8.53 7.39
C LYS A 1 3.85 -7.18 6.95
N LEU A 2 3.20 -6.05 7.27
CA LEU A 2 3.51 -4.70 6.76
C LEU A 2 3.79 -3.70 7.91
N PRO A 3 4.44 -2.55 7.64
CA PRO A 3 4.72 -1.53 8.67
C PRO A 3 3.44 -0.79 9.13
N PRO A 4 3.51 0.06 10.18
CA PRO A 4 2.35 0.75 10.75
C PRO A 4 1.51 1.53 9.72
N GLY A 5 0.22 1.20 9.66
CA GLY A 5 -0.77 1.82 8.76
C GLY A 5 -0.83 1.28 7.34
N TRP A 6 0.15 0.48 6.89
CA TRP A 6 0.19 -0.09 5.54
C TRP A 6 -0.74 -1.29 5.33
N GLU A 7 -1.35 -1.36 4.15
CA GLU A 7 -2.15 -2.49 3.64
C GLU A 7 -2.01 -2.65 2.12
N LYS A 8 -2.38 -3.82 1.59
CA LYS A 8 -2.52 -4.07 0.14
C LYS A 8 -3.76 -3.39 -0.44
N ARG A 9 -3.64 -2.92 -1.68
CA ARG A 9 -4.65 -2.16 -2.44
C ARG A 9 -4.59 -2.56 -3.92
N MET A 10 -5.60 -2.18 -4.72
CA MET A 10 -5.71 -2.59 -6.12
C MET A 10 -6.53 -1.58 -6.96
N PHE A 11 -6.02 -1.28 -8.15
CA PHE A 11 -6.66 -0.45 -9.18
C PHE A 11 -7.83 -1.12 -9.92
N ALA A 12 -8.69 -0.32 -10.57
CA ALA A 12 -9.83 -0.81 -11.36
C ALA A 12 -9.42 -1.69 -12.57
N ASN A 13 -8.18 -1.55 -13.05
CA ASN A 13 -7.59 -2.38 -14.12
C ASN A 13 -7.02 -3.74 -13.63
N GLY A 14 -7.06 -4.02 -12.32
CA GLY A 14 -6.52 -5.25 -11.72
C GLY A 14 -5.04 -5.21 -11.30
N THR A 15 -4.45 -4.02 -11.14
CA THR A 15 -3.05 -3.83 -10.73
C THR A 15 -2.94 -3.63 -9.22
N VAL A 16 -2.05 -4.36 -8.55
CA VAL A 16 -1.90 -4.34 -7.08
C VAL A 16 -0.80 -3.34 -6.68
N TYR A 17 -1.01 -2.66 -5.55
CA TYR A 17 -0.06 -1.73 -4.93
C TYR A 17 -0.23 -1.76 -3.39
N TYR A 18 0.58 -0.97 -2.69
CA TYR A 18 0.53 -0.79 -1.24
C TYR A 18 0.10 0.62 -0.85
N PHE A 19 -0.71 0.74 0.21
CA PHE A 19 -1.30 2.01 0.66
C PHE A 19 -1.31 2.15 2.18
N ASN A 20 -0.94 3.34 2.70
CA ASN A 20 -0.96 3.65 4.12
C ASN A 20 -2.24 4.43 4.49
N HIS A 21 -3.10 3.84 5.32
CA HIS A 21 -4.39 4.46 5.71
C HIS A 21 -4.22 5.63 6.70
N ILE A 22 -3.12 5.66 7.46
CA ILE A 22 -2.82 6.67 8.48
C ILE A 22 -2.23 7.94 7.84
N THR A 23 -1.35 7.77 6.84
CA THR A 23 -0.53 8.83 6.22
C THR A 23 -0.91 9.21 4.80
N ASN A 24 -1.80 8.45 4.16
CA ASN A 24 -2.18 8.54 2.74
C ASN A 24 -1.02 8.31 1.74
N ALA A 25 0.13 7.80 2.19
CA ALA A 25 1.23 7.38 1.32
C ALA A 25 0.86 6.14 0.46
N SER A 26 1.49 5.99 -0.70
CA SER A 26 1.31 4.85 -1.61
C SER A 26 2.62 4.41 -2.28
N GLN A 27 2.74 3.12 -2.60
CA GLN A 27 3.90 2.53 -3.29
C GLN A 27 3.55 1.34 -4.18
N PHE A 28 4.21 1.23 -5.33
CA PHE A 28 4.17 0.04 -6.18
C PHE A 28 5.01 -1.16 -5.70
N GLU A 29 5.98 -0.87 -4.81
CA GLU A 29 6.87 -1.84 -4.16
C GLU A 29 6.56 -1.97 -2.66
N ARG A 30 6.80 -3.16 -2.08
CA ARG A 30 6.51 -3.51 -0.68
C ARG A 30 7.20 -2.53 0.30
N PRO A 31 6.45 -1.89 1.23
CA PRO A 31 6.95 -0.79 2.07
C PRO A 31 7.87 -1.25 3.21
N SER A 32 8.93 -0.46 3.48
CA SER A 32 9.85 -0.66 4.61
C SER A 32 9.40 0.07 5.89
N GLY A 33 8.73 1.23 5.74
CA GLY A 33 8.24 2.08 6.82
C GLY A 33 7.54 3.35 6.32
N LYS A 1 4.24 -8.33 8.81
CA LYS A 1 4.67 -8.30 7.39
C LYS A 1 4.85 -6.87 6.89
N LEU A 2 3.76 -6.13 6.68
CA LEU A 2 3.75 -4.69 6.37
C LEU A 2 4.01 -3.84 7.64
N PRO A 3 4.59 -2.62 7.53
CA PRO A 3 4.75 -1.70 8.66
C PRO A 3 3.41 -1.10 9.15
N PRO A 4 3.38 -0.37 10.29
CA PRO A 4 2.16 0.25 10.83
C PRO A 4 1.43 1.16 9.84
N GLY A 5 0.10 1.00 9.76
CA GLY A 5 -0.79 1.76 8.87
C GLY A 5 -0.82 1.32 7.41
N TRP A 6 0.15 0.53 6.94
CA TRP A 6 0.17 -0.01 5.57
C TRP A 6 -0.76 -1.20 5.37
N GLU A 7 -1.40 -1.25 4.19
CA GLU A 7 -2.23 -2.35 3.69
C GLU A 7 -2.06 -2.54 2.17
N LYS A 8 -2.34 -3.74 1.65
CA LYS A 8 -2.43 -3.97 0.19
C LYS A 8 -3.71 -3.34 -0.39
N ARG A 9 -3.62 -2.83 -1.61
CA ARG A 9 -4.68 -2.14 -2.36
C ARG A 9 -4.59 -2.47 -3.85
N MET A 10 -5.61 -2.13 -4.64
CA MET A 10 -5.70 -2.54 -6.05
C MET A 10 -6.56 -1.58 -6.88
N PHE A 11 -6.05 -1.25 -8.07
CA PHE A 11 -6.72 -0.42 -9.08
C PHE A 11 -7.90 -1.10 -9.81
N ALA A 12 -8.77 -0.31 -10.45
CA ALA A 12 -9.91 -0.81 -11.23
C ALA A 12 -9.50 -1.69 -12.44
N ASN A 13 -8.27 -1.52 -12.94
CA ASN A 13 -7.66 -2.36 -14.00
C ASN A 13 -7.11 -3.71 -13.51
N GLY A 14 -7.11 -3.98 -12.19
CA GLY A 14 -6.61 -5.21 -11.58
C GLY A 14 -5.13 -5.21 -11.17
N THR A 15 -4.48 -4.03 -11.09
CA THR A 15 -3.06 -3.90 -10.71
C THR A 15 -2.99 -3.61 -9.21
N VAL A 16 -2.13 -4.37 -8.49
CA VAL A 16 -1.99 -4.31 -7.02
C VAL A 16 -0.84 -3.36 -6.66
N TYR A 17 -0.99 -2.66 -5.54
CA TYR A 17 -0.01 -1.75 -4.95
C TYR A 17 -0.17 -1.73 -3.41
N TYR A 18 0.65 -0.95 -2.72
CA TYR A 18 0.65 -0.79 -1.27
C TYR A 18 0.22 0.63 -0.88
N PHE A 19 -0.57 0.75 0.18
CA PHE A 19 -1.19 2.01 0.61
C PHE A 19 -1.27 2.17 2.13
N ASN A 20 -0.86 3.32 2.66
CA ASN A 20 -0.96 3.63 4.08
C ASN A 20 -2.26 4.41 4.37
N HIS A 21 -3.16 3.82 5.17
CA HIS A 21 -4.47 4.41 5.45
C HIS A 21 -4.41 5.59 6.45
N ILE A 22 -3.34 5.68 7.24
CA ILE A 22 -3.13 6.72 8.26
C ILE A 22 -2.48 7.98 7.66
N THR A 23 -1.53 7.79 6.75
CA THR A 23 -0.69 8.86 6.15
C THR A 23 -0.99 9.21 4.69
N ASN A 24 -1.84 8.43 4.03
CA ASN A 24 -2.15 8.49 2.59
C ASN A 24 -0.95 8.25 1.65
N ALA A 25 0.18 7.75 2.16
CA ALA A 25 1.32 7.32 1.33
C ALA A 25 0.97 6.11 0.45
N SER A 26 1.64 5.98 -0.71
CA SER A 26 1.44 4.86 -1.66
C SER A 26 2.75 4.43 -2.33
N GLN A 27 2.87 3.15 -2.67
CA GLN A 27 4.02 2.56 -3.37
C GLN A 27 3.66 1.35 -4.24
N PHE A 28 4.37 1.18 -5.37
CA PHE A 28 4.31 -0.04 -6.20
C PHE A 28 5.18 -1.20 -5.71
N GLU A 29 6.25 -0.88 -4.97
CA GLU A 29 7.11 -1.82 -4.23
C GLU A 29 6.72 -1.88 -2.75
N ARG A 30 6.97 -3.00 -2.05
CA ARG A 30 6.51 -3.17 -0.66
C ARG A 30 7.09 -2.10 0.30
N PRO A 31 6.30 -1.64 1.29
CA PRO A 31 6.72 -0.62 2.25
C PRO A 31 7.74 -1.12 3.27
N SER A 32 8.48 -0.20 3.88
CA SER A 32 9.52 -0.46 4.90
C SER A 32 9.48 0.46 6.13
N GLY A 33 8.61 1.50 6.13
CA GLY A 33 8.40 2.43 7.24
C GLY A 33 7.55 3.64 6.86
N LYS A 1 3.46 -8.61 9.23
CA LYS A 1 2.94 -8.46 7.85
C LYS A 1 3.54 -7.22 7.16
N LEU A 2 3.01 -6.03 7.42
CA LEU A 2 3.41 -4.72 6.85
C LEU A 2 3.70 -3.69 7.97
N PRO A 3 4.41 -2.58 7.68
CA PRO A 3 4.72 -1.53 8.67
C PRO A 3 3.46 -0.74 9.11
N PRO A 4 3.55 0.12 10.14
CA PRO A 4 2.40 0.84 10.70
C PRO A 4 1.55 1.60 9.66
N GLY A 5 0.27 1.26 9.60
CA GLY A 5 -0.73 1.85 8.69
C GLY A 5 -0.77 1.29 7.27
N TRP A 6 0.24 0.53 6.82
CA TRP A 6 0.30 -0.06 5.48
C TRP A 6 -0.61 -1.29 5.29
N GLU A 7 -1.28 -1.36 4.14
CA GLU A 7 -2.04 -2.52 3.64
C GLU A 7 -1.96 -2.65 2.12
N LYS A 8 -2.30 -3.83 1.58
CA LYS A 8 -2.48 -4.05 0.14
C LYS A 8 -3.74 -3.38 -0.41
N ARG A 9 -3.64 -2.90 -1.65
CA ARG A 9 -4.65 -2.16 -2.41
C ARG A 9 -4.61 -2.55 -3.89
N MET A 10 -5.62 -2.18 -4.68
CA MET A 10 -5.71 -2.58 -6.09
C MET A 10 -6.56 -1.59 -6.92
N PHE A 11 -6.05 -1.27 -8.11
CA PHE A 11 -6.70 -0.43 -9.12
C PHE A 11 -7.86 -1.11 -9.89
N ALA A 12 -8.71 -0.33 -10.54
CA ALA A 12 -9.83 -0.82 -11.35
C ALA A 12 -9.41 -1.68 -12.57
N ASN A 13 -8.17 -1.50 -13.05
CA ASN A 13 -7.54 -2.32 -14.10
C ASN A 13 -6.99 -3.69 -13.61
N GLY A 14 -7.04 -3.97 -12.29
CA GLY A 14 -6.53 -5.21 -11.68
C GLY A 14 -5.05 -5.18 -11.26
N THR A 15 -4.42 -4.00 -11.16
CA THR A 15 -3.01 -3.84 -10.76
C THR A 15 -2.95 -3.59 -9.25
N VAL A 16 -2.09 -4.33 -8.55
CA VAL A 16 -1.97 -4.30 -7.07
C VAL A 16 -0.85 -3.32 -6.68
N TYR A 17 -1.04 -2.64 -5.55
CA TYR A 17 -0.08 -1.73 -4.94
C TYR A 17 -0.23 -1.74 -3.40
N TYR A 18 0.59 -0.96 -2.70
CA TYR A 18 0.56 -0.79 -1.24
C TYR A 18 0.13 0.63 -0.84
N PHE A 19 -0.69 0.75 0.21
CA PHE A 19 -1.29 2.00 0.65
C PHE A 19 -1.32 2.17 2.16
N ASN A 20 -0.95 3.35 2.67
CA ASN A 20 -0.98 3.67 4.10
C ASN A 20 -2.27 4.41 4.46
N HIS A 21 -3.12 3.81 5.28
CA HIS A 21 -4.41 4.40 5.68
C HIS A 21 -4.27 5.56 6.68
N ILE A 22 -3.18 5.61 7.43
CA ILE A 22 -2.89 6.63 8.46
C ILE A 22 -2.32 7.91 7.83
N THR A 23 -1.45 7.76 6.83
CA THR A 23 -0.64 8.83 6.21
C THR A 23 -1.01 9.21 4.78
N ASN A 24 -1.89 8.44 4.14
CA ASN A 24 -2.26 8.52 2.72
C ASN A 24 -1.10 8.31 1.72
N ALA A 25 0.06 7.82 2.18
CA ALA A 25 1.17 7.42 1.31
C ALA A 25 0.83 6.18 0.46
N SER A 26 1.49 6.01 -0.69
CA SER A 26 1.32 4.88 -1.60
C SER A 26 2.65 4.42 -2.23
N GLN A 27 2.77 3.13 -2.54
CA GLN A 27 3.94 2.52 -3.18
C GLN A 27 3.59 1.36 -4.13
N PHE A 28 4.30 1.26 -5.24
CA PHE A 28 4.26 0.09 -6.14
C PHE A 28 5.09 -1.12 -5.69
N GLU A 29 6.03 -0.89 -4.77
CA GLU A 29 6.90 -1.89 -4.13
C GLU A 29 6.54 -2.10 -2.65
N ARG A 30 6.72 -3.32 -2.13
CA ARG A 30 6.35 -3.74 -0.78
C ARG A 30 7.14 -2.95 0.31
N PRO A 31 6.47 -2.24 1.25
CA PRO A 31 7.12 -1.35 2.23
C PRO A 31 7.69 -2.11 3.42
N SER A 32 8.83 -1.66 3.95
CA SER A 32 9.58 -2.34 5.03
C SER A 32 10.14 -1.40 6.12
N GLY A 33 9.72 -0.13 6.12
CA GLY A 33 10.15 0.90 7.09
C GLY A 33 9.53 2.28 6.82
N LYS A 1 3.26 -9.34 8.12
CA LYS A 1 2.42 -8.70 7.07
C LYS A 1 3.09 -7.42 6.53
N LEU A 2 2.78 -6.24 7.07
CA LEU A 2 3.17 -4.91 6.57
C LEU A 2 3.52 -3.95 7.74
N PRO A 3 4.26 -2.85 7.49
CA PRO A 3 4.61 -1.86 8.51
C PRO A 3 3.37 -1.06 9.01
N PRO A 4 3.49 -0.25 10.08
CA PRO A 4 2.37 0.47 10.68
C PRO A 4 1.56 1.32 9.69
N GLY A 5 0.25 1.05 9.61
CA GLY A 5 -0.72 1.74 8.76
C GLY A 5 -0.82 1.25 7.31
N TRP A 6 0.12 0.44 6.81
CA TRP A 6 0.11 -0.08 5.44
C TRP A 6 -0.89 -1.22 5.20
N GLU A 7 -1.51 -1.24 4.02
CA GLU A 7 -2.43 -2.29 3.54
C GLU A 7 -2.39 -2.43 2.00
N LYS A 8 -2.61 -3.64 1.49
CA LYS A 8 -2.72 -3.91 0.04
C LYS A 8 -4.00 -3.38 -0.58
N ARG A 9 -3.87 -2.81 -1.77
CA ARG A 9 -4.94 -2.24 -2.62
C ARG A 9 -4.82 -2.78 -4.06
N MET A 10 -5.83 -2.48 -4.90
CA MET A 10 -5.86 -2.91 -6.30
C MET A 10 -6.72 -1.97 -7.16
N PHE A 11 -6.18 -1.56 -8.30
CA PHE A 11 -6.86 -0.78 -9.35
C PHE A 11 -7.93 -1.56 -10.16
N ALA A 12 -8.84 -0.84 -10.82
CA ALA A 12 -9.90 -1.43 -11.65
C ALA A 12 -9.38 -2.28 -12.85
N ASN A 13 -8.15 -2.03 -13.30
CA ASN A 13 -7.46 -2.81 -14.34
C ASN A 13 -6.78 -4.12 -13.83
N GLY A 14 -6.82 -4.39 -12.51
CA GLY A 14 -6.19 -5.56 -11.88
C GLY A 14 -4.73 -5.35 -11.42
N THR A 15 -4.28 -4.10 -11.23
CA THR A 15 -2.92 -3.77 -10.79
C THR A 15 -2.88 -3.59 -9.26
N VAL A 16 -1.95 -4.25 -8.58
CA VAL A 16 -1.83 -4.23 -7.11
C VAL A 16 -0.82 -3.15 -6.68
N TYR A 17 -1.10 -2.49 -5.56
CA TYR A 17 -0.20 -1.52 -4.91
C TYR A 17 -0.45 -1.53 -3.39
N TYR A 18 0.30 -0.70 -2.67
CA TYR A 18 0.26 -0.57 -1.21
C TYR A 18 -0.12 0.87 -0.80
N PHE A 19 -0.93 1.01 0.25
CA PHE A 19 -1.41 2.30 0.75
C PHE A 19 -1.36 2.39 2.29
N ASN A 20 -0.90 3.52 2.82
CA ASN A 20 -0.87 3.78 4.26
C ASN A 20 -2.09 4.62 4.69
N HIS A 21 -2.97 4.05 5.52
CA HIS A 21 -4.19 4.74 5.96
C HIS A 21 -3.93 5.85 6.99
N ILE A 22 -2.81 5.79 7.71
CA ILE A 22 -2.41 6.73 8.77
C ILE A 22 -1.74 7.99 8.18
N THR A 23 -0.90 7.80 7.15
CA THR A 23 -0.05 8.84 6.53
C THR A 23 -0.46 9.31 5.14
N ASN A 24 -1.43 8.62 4.52
CA ASN A 24 -1.86 8.79 3.13
C ASN A 24 -0.77 8.53 2.07
N ALA A 25 0.37 7.91 2.44
CA ALA A 25 1.40 7.48 1.49
C ALA A 25 0.92 6.31 0.60
N SER A 26 1.47 6.20 -0.61
CA SER A 26 1.23 5.11 -1.56
C SER A 26 2.50 4.65 -2.28
N GLN A 27 2.61 3.36 -2.59
CA GLN A 27 3.76 2.76 -3.27
C GLN A 27 3.40 1.51 -4.08
N PHE A 28 4.09 1.30 -5.20
CA PHE A 28 4.04 0.06 -5.98
C PHE A 28 4.95 -1.06 -5.46
N GLU A 29 6.07 -0.68 -4.83
CA GLU A 29 7.00 -1.57 -4.12
C GLU A 29 6.49 -1.89 -2.70
N ARG A 30 6.72 -3.12 -2.23
CA ARG A 30 6.32 -3.56 -0.87
C ARG A 30 7.02 -2.71 0.22
N PRO A 31 6.28 -2.04 1.13
CA PRO A 31 6.81 -1.04 2.07
C PRO A 31 7.63 -1.61 3.24
N SER A 32 8.50 -0.79 3.83
CA SER A 32 9.43 -1.17 4.91
C SER A 32 9.61 -0.06 5.98
N GLY A 33 8.61 0.82 6.16
CA GLY A 33 8.63 1.93 7.12
C GLY A 33 7.26 2.56 7.35
N LYS A 1 3.26 -9.23 8.22
CA LYS A 1 2.77 -8.88 6.87
C LYS A 1 3.37 -7.53 6.41
N LEU A 2 2.70 -6.42 6.73
CA LEU A 2 3.04 -5.03 6.35
C LEU A 2 3.33 -4.18 7.61
N PRO A 3 4.05 -3.04 7.50
CA PRO A 3 4.36 -2.16 8.63
C PRO A 3 3.11 -1.40 9.16
N PRO A 4 3.21 -0.69 10.31
CA PRO A 4 2.08 0.04 10.89
C PRO A 4 1.41 1.03 9.93
N GLY A 5 0.08 0.94 9.83
CA GLY A 5 -0.77 1.78 8.98
C GLY A 5 -0.78 1.42 7.48
N TRP A 6 0.11 0.55 7.00
CA TRP A 6 0.11 0.03 5.62
C TRP A 6 -0.87 -1.12 5.40
N GLU A 7 -1.47 -1.19 4.21
CA GLU A 7 -2.27 -2.32 3.71
C GLU A 7 -2.19 -2.44 2.18
N LYS A 8 -2.33 -3.67 1.64
CA LYS A 8 -2.42 -3.92 0.19
C LYS A 8 -3.69 -3.32 -0.43
N ARG A 9 -3.57 -2.85 -1.68
CA ARG A 9 -4.61 -2.14 -2.45
C ARG A 9 -4.55 -2.56 -3.93
N MET A 10 -5.58 -2.25 -4.71
CA MET A 10 -5.67 -2.67 -6.11
C MET A 10 -6.57 -1.73 -6.94
N PHE A 11 -6.10 -1.40 -8.15
CA PHE A 11 -6.82 -0.64 -9.16
C PHE A 11 -7.94 -1.39 -9.90
N ALA A 12 -8.87 -0.68 -10.55
CA ALA A 12 -9.98 -1.27 -11.31
C ALA A 12 -9.51 -2.12 -12.53
N ASN A 13 -8.31 -1.88 -13.05
CA ASN A 13 -7.65 -2.68 -14.09
C ASN A 13 -7.03 -4.01 -13.59
N GLY A 14 -7.02 -4.27 -12.27
CA GLY A 14 -6.42 -5.46 -11.65
C GLY A 14 -4.95 -5.33 -11.26
N THR A 15 -4.39 -4.12 -11.19
CA THR A 15 -2.97 -3.87 -10.82
C THR A 15 -2.91 -3.59 -9.32
N VAL A 16 -2.01 -4.28 -8.61
CA VAL A 16 -1.88 -4.23 -7.14
C VAL A 16 -0.80 -3.19 -6.77
N TYR A 17 -1.02 -2.50 -5.65
CA TYR A 17 -0.10 -1.53 -5.04
C TYR A 17 -0.27 -1.56 -3.51
N TYR A 18 0.50 -0.73 -2.81
CA TYR A 18 0.54 -0.66 -1.35
C TYR A 18 0.15 0.76 -0.91
N PHE A 19 -0.66 0.85 0.15
CA PHE A 19 -1.24 2.12 0.61
C PHE A 19 -1.26 2.28 2.14
N ASN A 20 -0.91 3.46 2.65
CA ASN A 20 -0.92 3.76 4.08
C ASN A 20 -2.17 4.58 4.45
N HIS A 21 -3.06 4.02 5.26
CA HIS A 21 -4.33 4.67 5.63
C HIS A 21 -4.17 5.75 6.72
N ILE A 22 -3.05 5.75 7.45
CA ILE A 22 -2.71 6.71 8.51
C ILE A 22 -2.08 7.99 7.92
N THR A 23 -1.21 7.82 6.92
CA THR A 23 -0.36 8.88 6.32
C THR A 23 -0.73 9.30 4.89
N ASN A 24 -1.63 8.57 4.24
CA ASN A 24 -2.00 8.69 2.82
C ASN A 24 -0.84 8.45 1.81
N ALA A 25 0.30 7.90 2.25
CA ALA A 25 1.37 7.46 1.37
C ALA A 25 0.97 6.26 0.48
N SER A 26 1.59 6.12 -0.68
CA SER A 26 1.38 5.00 -1.62
C SER A 26 2.67 4.57 -2.33
N GLN A 27 2.79 3.28 -2.67
CA GLN A 27 3.94 2.69 -3.36
C GLN A 27 3.56 1.53 -4.30
N PHE A 28 4.33 1.35 -5.37
CA PHE A 28 4.26 0.18 -6.25
C PHE A 28 5.15 -1.02 -5.83
N GLU A 29 6.11 -0.76 -4.95
CA GLU A 29 6.99 -1.74 -4.28
C GLU A 29 6.62 -1.83 -2.79
N ARG A 30 6.77 -3.00 -2.14
CA ARG A 30 6.26 -3.19 -0.78
C ARG A 30 6.92 -2.25 0.26
N PRO A 31 6.16 -1.80 1.27
CA PRO A 31 6.66 -0.88 2.31
C PRO A 31 7.57 -1.57 3.35
N SER A 32 8.37 -0.76 4.03
CA SER A 32 9.27 -1.18 5.14
C SER A 32 9.15 -0.33 6.42
N GLY A 33 8.42 0.81 6.38
CA GLY A 33 8.16 1.69 7.52
C GLY A 33 7.62 3.06 7.10
N LYS A 1 4.62 -9.11 7.88
CA LYS A 1 3.64 -8.57 6.89
C LYS A 1 4.07 -7.19 6.39
N LEU A 2 3.64 -6.10 7.05
CA LEU A 2 3.79 -4.70 6.60
C LEU A 2 4.05 -3.76 7.79
N PRO A 3 4.62 -2.55 7.57
CA PRO A 3 4.82 -1.53 8.61
C PRO A 3 3.48 -0.91 9.08
N PRO A 4 3.44 -0.14 10.19
CA PRO A 4 2.21 0.41 10.73
C PRO A 4 1.47 1.32 9.74
N GLY A 5 0.15 1.11 9.63
CA GLY A 5 -0.76 1.83 8.74
C GLY A 5 -0.85 1.31 7.30
N TRP A 6 0.12 0.52 6.83
CA TRP A 6 0.14 -0.05 5.48
C TRP A 6 -0.78 -1.27 5.29
N GLU A 7 -1.40 -1.38 4.12
CA GLU A 7 -2.16 -2.56 3.66
C GLU A 7 -2.11 -2.67 2.12
N LYS A 8 -2.33 -3.88 1.57
CA LYS A 8 -2.51 -4.10 0.13
C LYS A 8 -3.75 -3.40 -0.43
N ARG A 9 -3.61 -2.93 -1.68
CA ARG A 9 -4.57 -2.11 -2.42
C ARG A 9 -4.56 -2.51 -3.91
N MET A 10 -5.58 -2.11 -4.68
CA MET A 10 -5.70 -2.52 -6.09
C MET A 10 -6.52 -1.53 -6.92
N PHE A 11 -6.02 -1.22 -8.13
CA PHE A 11 -6.67 -0.41 -9.15
C PHE A 11 -7.84 -1.10 -9.89
N ALA A 12 -8.71 -0.32 -10.53
CA ALA A 12 -9.86 -0.83 -11.30
C ALA A 12 -9.47 -1.72 -12.50
N ASN A 13 -8.24 -1.58 -13.02
CA ASN A 13 -7.67 -2.42 -14.08
C ASN A 13 -7.08 -3.77 -13.58
N GLY A 14 -7.09 -4.03 -12.26
CA GLY A 14 -6.54 -5.24 -11.65
C GLY A 14 -5.05 -5.17 -11.26
N THR A 15 -4.48 -3.97 -11.11
CA THR A 15 -3.07 -3.75 -10.73
C THR A 15 -2.95 -3.56 -9.21
N VAL A 16 -2.09 -4.34 -8.55
CA VAL A 16 -1.93 -4.34 -7.09
C VAL A 16 -0.79 -3.40 -6.68
N TYR A 17 -0.96 -2.71 -5.57
CA TYR A 17 0.00 -1.79 -4.95
C TYR A 17 -0.23 -1.79 -3.42
N TYR A 18 0.53 -0.96 -2.70
CA TYR A 18 0.48 -0.80 -1.24
C TYR A 18 0.05 0.61 -0.85
N PHE A 19 -0.78 0.73 0.19
CA PHE A 19 -1.37 2.00 0.64
C PHE A 19 -1.37 2.16 2.16
N ASN A 20 -0.96 3.34 2.66
CA ASN A 20 -0.98 3.66 4.08
C ASN A 20 -2.24 4.46 4.44
N HIS A 21 -3.11 3.89 5.28
CA HIS A 21 -4.39 4.51 5.66
C HIS A 21 -4.22 5.68 6.66
N ILE A 22 -3.11 5.70 7.42
CA ILE A 22 -2.82 6.71 8.45
C ILE A 22 -2.22 7.97 7.82
N THR A 23 -1.34 7.81 6.82
CA THR A 23 -0.52 8.86 6.20
C THR A 23 -0.90 9.25 4.76
N ASN A 24 -1.80 8.48 4.14
CA ASN A 24 -2.19 8.56 2.73
C ASN A 24 -1.04 8.33 1.72
N ALA A 25 0.11 7.81 2.17
CA ALA A 25 1.21 7.38 1.28
C ALA A 25 0.82 6.16 0.42
N SER A 26 1.44 6.01 -0.74
CA SER A 26 1.25 4.88 -1.66
C SER A 26 2.57 4.46 -2.35
N GLN A 27 2.71 3.17 -2.67
CA GLN A 27 3.89 2.61 -3.36
C GLN A 27 3.55 1.33 -4.16
N PHE A 28 4.27 1.12 -5.26
CA PHE A 28 4.25 -0.15 -6.02
C PHE A 28 5.16 -1.26 -5.45
N GLU A 29 6.29 -0.86 -4.85
CA GLU A 29 7.18 -1.73 -4.07
C GLU A 29 6.65 -1.95 -2.65
N ARG A 30 6.94 -3.12 -2.02
CA ARG A 30 6.46 -3.38 -0.65
C ARG A 30 7.09 -2.40 0.36
N PRO A 31 6.31 -1.81 1.29
CA PRO A 31 6.78 -0.77 2.21
C PRO A 31 7.66 -1.32 3.35
N SER A 32 8.50 -0.45 3.92
CA SER A 32 9.50 -0.78 4.94
C SER A 32 9.53 0.16 6.16
N GLY A 33 8.70 1.21 6.19
CA GLY A 33 8.55 2.16 7.31
C GLY A 33 7.60 3.32 7.02
N LYS A 1 3.54 -8.61 8.87
CA LYS A 1 3.34 -8.51 7.39
C LYS A 1 3.86 -7.17 6.85
N LEU A 2 3.20 -6.05 7.20
CA LEU A 2 3.51 -4.69 6.75
C LEU A 2 3.75 -3.73 7.94
N PRO A 3 4.41 -2.56 7.73
CA PRO A 3 4.66 -1.57 8.79
C PRO A 3 3.38 -0.82 9.22
N PRO A 4 3.44 0.03 10.27
CA PRO A 4 2.25 0.72 10.82
C PRO A 4 1.42 1.49 9.78
N GLY A 5 0.13 1.18 9.73
CA GLY A 5 -0.86 1.80 8.83
C GLY A 5 -0.86 1.30 7.38
N TRP A 6 0.11 0.51 6.95
CA TRP A 6 0.17 -0.07 5.59
C TRP A 6 -0.77 -1.27 5.37
N GLU A 7 -1.36 -1.36 4.18
CA GLU A 7 -2.15 -2.51 3.70
C GLU A 7 -2.06 -2.62 2.16
N LYS A 8 -2.30 -3.82 1.60
CA LYS A 8 -2.45 -4.02 0.15
C LYS A 8 -3.71 -3.37 -0.42
N ARG A 9 -3.60 -2.87 -1.65
CA ARG A 9 -4.62 -2.11 -2.40
C ARG A 9 -4.58 -2.50 -3.88
N MET A 10 -5.59 -2.13 -4.67
CA MET A 10 -5.69 -2.54 -6.08
C MET A 10 -6.52 -1.56 -6.91
N PHE A 11 -6.03 -1.24 -8.11
CA PHE A 11 -6.68 -0.42 -9.12
C PHE A 11 -7.86 -1.10 -9.86
N ALA A 12 -8.72 -0.30 -10.50
CA ALA A 12 -9.87 -0.80 -11.28
C ALA A 12 -9.47 -1.67 -12.50
N ASN A 13 -8.24 -1.52 -13.00
CA ASN A 13 -7.64 -2.35 -14.05
C ASN A 13 -7.08 -3.71 -13.56
N GLY A 14 -7.09 -3.97 -12.25
CA GLY A 14 -6.59 -5.20 -11.64
C GLY A 14 -5.11 -5.19 -11.23
N THR A 15 -4.46 -4.02 -11.14
CA THR A 15 -3.04 -3.89 -10.76
C THR A 15 -2.97 -3.62 -9.25
N VAL A 16 -2.12 -4.37 -8.54
CA VAL A 16 -1.99 -4.33 -7.07
C VAL A 16 -0.83 -3.39 -6.69
N TYR A 17 -1.00 -2.69 -5.57
CA TYR A 17 -0.02 -1.78 -4.98
C TYR A 17 -0.18 -1.75 -3.45
N TYR A 18 0.64 -0.97 -2.76
CA TYR A 18 0.63 -0.81 -1.30
C TYR A 18 0.17 0.60 -0.89
N PHE A 19 -0.65 0.71 0.15
CA PHE A 19 -1.25 1.96 0.59
C PHE A 19 -1.30 2.12 2.12
N ASN A 20 -0.97 3.31 2.64
CA ASN A 20 -1.00 3.60 4.07
C ASN A 20 -2.27 4.40 4.43
N HIS A 21 -3.15 3.82 5.24
CA HIS A 21 -4.44 4.45 5.61
C HIS A 21 -4.29 5.58 6.66
N ILE A 22 -3.18 5.60 7.40
CA ILE A 22 -2.86 6.60 8.44
C ILE A 22 -2.25 7.87 7.80
N THR A 23 -1.38 7.69 6.81
CA THR A 23 -0.55 8.75 6.19
C THR A 23 -0.88 9.14 4.75
N ASN A 24 -1.81 8.40 4.12
CA ASN A 24 -2.16 8.44 2.69
C ASN A 24 -0.98 8.28 1.71
N ALA A 25 0.15 7.73 2.16
CA ALA A 25 1.26 7.33 1.29
C ALA A 25 0.90 6.10 0.42
N SER A 26 1.56 5.96 -0.74
CA SER A 26 1.37 4.83 -1.68
C SER A 26 2.68 4.41 -2.35
N GLN A 27 2.82 3.11 -2.67
CA GLN A 27 3.98 2.54 -3.37
C GLN A 27 3.64 1.34 -4.26
N PHE A 28 4.32 1.21 -5.40
CA PHE A 28 4.28 0.02 -6.26
C PHE A 28 5.15 -1.17 -5.79
N GLU A 29 6.12 -0.90 -4.92
CA GLU A 29 6.98 -1.86 -4.21
C GLU A 29 6.63 -1.89 -2.71
N ARG A 30 6.85 -3.03 -2.03
CA ARG A 30 6.40 -3.19 -0.64
C ARG A 30 7.07 -2.17 0.33
N PRO A 31 6.34 -1.68 1.35
CA PRO A 31 6.85 -0.71 2.32
C PRO A 31 7.83 -1.30 3.34
N SER A 32 8.61 -0.42 3.98
CA SER A 32 9.59 -0.76 5.02
C SER A 32 9.52 0.14 6.27
N GLY A 33 8.69 1.19 6.27
CA GLY A 33 8.45 2.11 7.40
C GLY A 33 7.63 3.34 7.01
N LYS A 1 3.86 -8.55 9.23
CA LYS A 1 3.35 -8.57 7.82
C LYS A 1 3.75 -7.30 7.07
N LEU A 2 3.03 -6.19 7.27
CA LEU A 2 3.32 -4.85 6.71
C LEU A 2 3.70 -3.83 7.82
N PRO A 3 4.39 -2.72 7.50
CA PRO A 3 4.77 -1.70 8.48
C PRO A 3 3.56 -0.88 8.99
N PRO A 4 3.72 -0.01 10.01
CA PRO A 4 2.61 0.71 10.65
C PRO A 4 1.71 1.48 9.67
N GLY A 5 0.43 1.13 9.67
CA GLY A 5 -0.62 1.75 8.84
C GLY A 5 -0.70 1.29 7.37
N TRP A 6 0.25 0.48 6.88
CA TRP A 6 0.23 -0.03 5.50
C TRP A 6 -0.75 -1.19 5.28
N GLU A 7 -1.46 -1.17 4.15
CA GLU A 7 -2.40 -2.20 3.67
C GLU A 7 -2.38 -2.34 2.13
N LYS A 8 -2.76 -3.51 1.61
CA LYS A 8 -2.89 -3.77 0.16
C LYS A 8 -4.11 -3.11 -0.48
N ARG A 9 -3.94 -2.69 -1.74
CA ARG A 9 -4.95 -2.13 -2.65
C ARG A 9 -4.81 -2.71 -4.06
N MET A 10 -5.79 -2.45 -4.93
CA MET A 10 -5.77 -2.86 -6.34
C MET A 10 -6.65 -1.95 -7.22
N PHE A 11 -6.11 -1.54 -8.36
CA PHE A 11 -6.79 -0.78 -9.41
C PHE A 11 -7.84 -1.57 -10.21
N ALA A 12 -8.76 -0.88 -10.89
CA ALA A 12 -9.81 -1.50 -11.72
C ALA A 12 -9.26 -2.32 -12.92
N ASN A 13 -8.04 -2.04 -13.37
CA ASN A 13 -7.33 -2.79 -14.41
C ASN A 13 -6.63 -4.08 -13.90
N GLY A 14 -6.68 -4.37 -12.59
CA GLY A 14 -6.03 -5.53 -11.97
C GLY A 14 -4.58 -5.31 -11.50
N THR A 15 -4.15 -4.06 -11.29
CA THR A 15 -2.80 -3.70 -10.82
C THR A 15 -2.79 -3.52 -9.30
N VAL A 16 -1.90 -4.22 -8.59
CA VAL A 16 -1.85 -4.23 -7.12
C VAL A 16 -0.84 -3.17 -6.65
N TYR A 17 -1.15 -2.51 -5.53
CA TYR A 17 -0.27 -1.54 -4.88
C TYR A 17 -0.48 -1.58 -3.35
N TYR A 18 0.26 -0.74 -2.63
CA TYR A 18 0.23 -0.59 -1.17
C TYR A 18 -0.14 0.84 -0.79
N PHE A 19 -0.94 1.00 0.27
CA PHE A 19 -1.44 2.29 0.75
C PHE A 19 -1.41 2.39 2.29
N ASN A 20 -0.98 3.54 2.81
CA ASN A 20 -0.92 3.79 4.24
C ASN A 20 -2.14 4.61 4.70
N HIS A 21 -3.04 4.02 5.50
CA HIS A 21 -4.26 4.70 5.96
C HIS A 21 -4.01 5.74 7.07
N ILE A 22 -2.86 5.68 7.74
CA ILE A 22 -2.44 6.60 8.82
C ILE A 22 -1.79 7.86 8.24
N THR A 23 -0.97 7.71 7.19
CA THR A 23 -0.13 8.76 6.59
C THR A 23 -0.52 9.24 5.19
N ASN A 24 -1.48 8.56 4.54
CA ASN A 24 -1.90 8.75 3.14
C ASN A 24 -0.80 8.50 2.09
N ALA A 25 0.33 7.90 2.46
CA ALA A 25 1.37 7.46 1.52
C ALA A 25 0.91 6.29 0.62
N SER A 26 1.52 6.13 -0.56
CA SER A 26 1.27 5.02 -1.50
C SER A 26 2.56 4.53 -2.19
N GLN A 27 2.63 3.22 -2.49
CA GLN A 27 3.75 2.59 -3.20
C GLN A 27 3.32 1.44 -4.12
N PHE A 28 3.96 1.33 -5.28
CA PHE A 28 3.84 0.17 -6.17
C PHE A 28 4.65 -1.07 -5.75
N GLU A 29 5.66 -0.85 -4.88
CA GLU A 29 6.54 -1.87 -4.28
C GLU A 29 6.27 -2.04 -2.78
N ARG A 30 6.44 -3.27 -2.26
CA ARG A 30 6.16 -3.66 -0.87
C ARG A 30 6.92 -2.78 0.15
N PRO A 31 6.23 -2.08 1.07
CA PRO A 31 6.81 -1.06 1.95
C PRO A 31 7.63 -1.62 3.12
N SER A 32 8.61 -0.84 3.59
CA SER A 32 9.49 -1.18 4.74
C SER A 32 9.41 -0.19 5.91
N GLY A 33 8.66 0.90 5.78
CA GLY A 33 8.46 1.94 6.83
C GLY A 33 7.74 3.18 6.31
N LYS A 1 3.64 -8.62 8.77
CA LYS A 1 3.80 -8.45 7.29
C LYS A 1 4.29 -7.05 6.89
N LEU A 2 3.58 -5.98 7.28
CA LEU A 2 3.78 -4.60 6.82
C LEU A 2 3.97 -3.61 7.99
N PRO A 3 4.55 -2.41 7.78
CA PRO A 3 4.74 -1.39 8.81
C PRO A 3 3.40 -0.74 9.24
N PRO A 4 3.40 0.12 10.29
CA PRO A 4 2.18 0.75 10.81
C PRO A 4 1.36 1.51 9.76
N GLY A 5 0.07 1.17 9.67
CA GLY A 5 -0.90 1.78 8.74
C GLY A 5 -0.92 1.23 7.32
N TRP A 6 0.07 0.42 6.91
CA TRP A 6 0.16 -0.15 5.56
C TRP A 6 -0.73 -1.37 5.31
N GLU A 7 -1.31 -1.46 4.11
CA GLU A 7 -2.03 -2.61 3.56
C GLU A 7 -1.90 -2.69 2.03
N LYS A 8 -2.20 -3.86 1.45
CA LYS A 8 -2.33 -4.04 -0.01
C LYS A 8 -3.68 -3.49 -0.52
N ARG A 9 -3.67 -2.92 -1.72
CA ARG A 9 -4.88 -2.40 -2.40
C ARG A 9 -4.81 -2.64 -3.92
N MET A 10 -5.97 -2.80 -4.55
CA MET A 10 -6.12 -3.00 -6.00
C MET A 10 -6.66 -1.77 -6.75
N PHE A 11 -6.07 -1.45 -7.90
CA PHE A 11 -6.54 -0.45 -8.87
C PHE A 11 -7.76 -0.90 -9.71
N ALA A 12 -8.48 0.04 -10.33
CA ALA A 12 -9.63 -0.26 -11.20
C ALA A 12 -9.28 -1.13 -12.44
N ASN A 13 -8.02 -1.14 -12.86
CA ASN A 13 -7.47 -1.99 -13.94
C ASN A 13 -7.07 -3.43 -13.49
N GLY A 14 -7.14 -3.74 -12.20
CA GLY A 14 -6.75 -5.04 -11.63
C GLY A 14 -5.29 -5.17 -11.17
N THR A 15 -4.55 -4.06 -11.02
CA THR A 15 -3.14 -4.05 -10.60
C THR A 15 -3.09 -3.84 -9.08
N VAL A 16 -2.24 -4.59 -8.37
CA VAL A 16 -2.05 -4.46 -6.91
C VAL A 16 -0.86 -3.54 -6.58
N TYR A 17 -1.01 -2.75 -5.52
CA TYR A 17 0.00 -1.84 -4.99
C TYR A 17 -0.18 -1.78 -3.45
N TYR A 18 0.67 -0.99 -2.78
CA TYR A 18 0.68 -0.80 -1.33
C TYR A 18 0.20 0.60 -0.94
N PHE A 19 -0.61 0.71 0.12
CA PHE A 19 -1.23 1.95 0.58
C PHE A 19 -1.27 2.09 2.10
N ASN A 20 -0.94 3.28 2.62
CA ASN A 20 -1.01 3.59 4.04
C ASN A 20 -2.29 4.37 4.37
N HIS A 21 -3.17 3.79 5.20
CA HIS A 21 -4.46 4.40 5.55
C HIS A 21 -4.34 5.58 6.53
N ILE A 22 -3.25 5.63 7.31
CA ILE A 22 -2.98 6.66 8.33
C ILE A 22 -2.36 7.92 7.70
N THR A 23 -1.46 7.73 6.73
CA THR A 23 -0.63 8.79 6.12
C THR A 23 -0.97 9.16 4.67
N ASN A 24 -1.85 8.39 4.02
CA ASN A 24 -2.20 8.46 2.60
C ASN A 24 -1.02 8.23 1.62
N ALA A 25 0.13 7.72 2.10
CA ALA A 25 1.25 7.31 1.24
C ALA A 25 0.90 6.08 0.39
N SER A 26 1.55 5.94 -0.78
CA SER A 26 1.36 4.81 -1.71
C SER A 26 2.68 4.39 -2.38
N GLN A 27 2.83 3.10 -2.71
CA GLN A 27 3.99 2.54 -3.40
C GLN A 27 3.66 1.33 -4.30
N PHE A 28 4.41 1.18 -5.40
CA PHE A 28 4.39 -0.02 -6.25
C PHE A 28 5.27 -1.19 -5.77
N GLU A 29 6.25 -0.87 -4.90
CA GLU A 29 7.13 -1.81 -4.19
C GLU A 29 6.77 -1.84 -2.69
N ARG A 30 7.04 -2.94 -1.98
CA ARG A 30 6.59 -3.09 -0.58
C ARG A 30 7.18 -2.00 0.36
N PRO A 31 6.41 -1.54 1.37
CA PRO A 31 6.84 -0.51 2.30
C PRO A 31 7.86 -0.99 3.34
N SER A 32 8.57 -0.04 3.95
CA SER A 32 9.57 -0.27 5.01
C SER A 32 9.42 0.63 6.26
N GLY A 33 8.53 1.64 6.22
CA GLY A 33 8.24 2.55 7.34
C GLY A 33 7.38 3.74 6.92
N LYS A 1 2.96 -8.54 9.70
CA LYS A 1 2.35 -7.93 8.49
C LYS A 1 3.21 -6.77 7.97
N LEU A 2 2.68 -5.97 7.03
CA LEU A 2 3.22 -4.69 6.54
C LEU A 2 3.44 -3.67 7.68
N PRO A 3 4.25 -2.61 7.50
CA PRO A 3 4.56 -1.64 8.57
C PRO A 3 3.34 -0.82 9.03
N PRO A 4 3.47 0.01 10.09
CA PRO A 4 2.34 0.74 10.69
C PRO A 4 1.48 1.54 9.69
N GLY A 5 0.19 1.19 9.62
CA GLY A 5 -0.80 1.77 8.73
C GLY A 5 -0.77 1.30 7.26
N TRP A 6 0.26 0.59 6.82
CA TRP A 6 0.33 0.01 5.47
C TRP A 6 -0.57 -1.23 5.29
N GLU A 7 -1.26 -1.30 4.15
CA GLU A 7 -2.10 -2.41 3.70
C GLU A 7 -2.01 -2.57 2.16
N LYS A 8 -2.35 -3.75 1.62
CA LYS A 8 -2.52 -3.95 0.17
C LYS A 8 -3.79 -3.29 -0.38
N ARG A 9 -3.70 -2.79 -1.62
CA ARG A 9 -4.75 -2.08 -2.36
C ARG A 9 -4.66 -2.43 -3.86
N MET A 10 -5.66 -2.08 -4.66
CA MET A 10 -5.73 -2.50 -6.07
C MET A 10 -6.56 -1.52 -6.93
N PHE A 11 -6.05 -1.22 -8.12
CA PHE A 11 -6.70 -0.42 -9.16
C PHE A 11 -7.87 -1.11 -9.89
N ALA A 12 -8.75 -0.34 -10.52
CA ALA A 12 -9.89 -0.85 -11.30
C ALA A 12 -9.48 -1.74 -12.50
N ASN A 13 -8.26 -1.58 -13.01
CA ASN A 13 -7.67 -2.41 -14.07
C ASN A 13 -7.08 -3.77 -13.58
N GLY A 14 -7.10 -4.04 -12.26
CA GLY A 14 -6.55 -5.25 -11.65
C GLY A 14 -5.07 -5.19 -11.25
N THR A 15 -4.49 -3.99 -11.10
CA THR A 15 -3.08 -3.78 -10.69
C THR A 15 -2.99 -3.57 -9.18
N VAL A 16 -2.15 -4.35 -8.50
CA VAL A 16 -2.01 -4.33 -7.03
C VAL A 16 -0.86 -3.40 -6.64
N TYR A 17 -1.04 -2.69 -5.53
CA TYR A 17 -0.06 -1.79 -4.93
C TYR A 17 -0.22 -1.76 -3.39
N TYR A 18 0.63 -0.98 -2.71
CA TYR A 18 0.62 -0.80 -1.26
C TYR A 18 0.18 0.62 -0.89
N PHE A 19 -0.64 0.74 0.15
CA PHE A 19 -1.26 2.00 0.57
C PHE A 19 -1.33 2.16 2.10
N ASN A 20 -0.94 3.32 2.62
CA ASN A 20 -0.99 3.62 4.05
C ASN A 20 -2.26 4.42 4.39
N HIS A 21 -3.18 3.81 5.15
CA HIS A 21 -4.47 4.44 5.48
C HIS A 21 -4.36 5.53 6.58
N ILE A 22 -3.26 5.54 7.34
CA ILE A 22 -2.96 6.50 8.41
C ILE A 22 -2.35 7.79 7.84
N THR A 23 -1.46 7.65 6.85
CA THR A 23 -0.62 8.73 6.28
C THR A 23 -0.95 9.15 4.84
N ASN A 24 -1.83 8.41 4.16
CA ASN A 24 -2.17 8.52 2.74
C ASN A 24 -0.99 8.30 1.77
N ALA A 25 0.15 7.75 2.23
CA ALA A 25 1.25 7.33 1.36
C ALA A 25 0.88 6.14 0.46
N SER A 26 1.53 6.01 -0.71
CA SER A 26 1.33 4.93 -1.67
C SER A 26 2.63 4.50 -2.35
N GLN A 27 2.77 3.20 -2.67
CA GLN A 27 3.95 2.63 -3.34
C GLN A 27 3.61 1.36 -4.14
N PHE A 28 4.31 1.14 -5.24
CA PHE A 28 4.29 -0.11 -6.00
C PHE A 28 5.19 -1.22 -5.44
N GLU A 29 6.29 -0.83 -4.80
CA GLU A 29 7.21 -1.70 -4.06
C GLU A 29 6.72 -1.98 -2.63
N ARG A 30 7.00 -3.17 -2.09
CA ARG A 30 6.63 -3.55 -0.72
C ARG A 30 7.32 -2.63 0.32
N PRO A 31 6.57 -1.92 1.19
CA PRO A 31 7.14 -0.93 2.12
C PRO A 31 7.95 -1.57 3.24
N SER A 32 9.17 -1.08 3.48
CA SER A 32 10.09 -1.58 4.52
C SER A 32 9.91 -0.91 5.89
N GLY A 33 9.25 0.25 5.96
CA GLY A 33 9.00 1.02 7.19
C GLY A 33 8.35 2.38 6.93
N LYS A 1 3.68 -9.06 8.46
CA LYS A 1 2.83 -8.48 7.40
C LYS A 1 3.46 -7.20 6.82
N LEU A 2 3.11 -6.02 7.33
CA LEU A 2 3.48 -4.69 6.79
C LEU A 2 3.79 -3.68 7.92
N PRO A 3 4.46 -2.55 7.63
CA PRO A 3 4.76 -1.51 8.62
C PRO A 3 3.50 -0.74 9.09
N PRO A 4 3.60 0.15 10.10
CA PRO A 4 2.45 0.84 10.68
C PRO A 4 1.55 1.58 9.67
N GLY A 5 0.26 1.22 9.65
CA GLY A 5 -0.77 1.80 8.78
C GLY A 5 -0.80 1.32 7.33
N TRP A 6 0.19 0.53 6.87
CA TRP A 6 0.22 -0.04 5.51
C TRP A 6 -0.71 -1.24 5.31
N GLU A 7 -1.34 -1.33 4.15
CA GLU A 7 -2.18 -2.45 3.70
C GLU A 7 -2.18 -2.56 2.15
N LYS A 8 -2.41 -3.76 1.60
CA LYS A 8 -2.55 -3.97 0.16
C LYS A 8 -3.84 -3.37 -0.42
N ARG A 9 -3.72 -2.87 -1.65
CA ARG A 9 -4.78 -2.16 -2.41
C ARG A 9 -4.67 -2.49 -3.90
N MET A 10 -5.67 -2.13 -4.71
CA MET A 10 -5.73 -2.54 -6.13
C MET A 10 -6.56 -1.58 -6.98
N PHE A 11 -6.04 -1.26 -8.17
CA PHE A 11 -6.67 -0.45 -9.21
C PHE A 11 -7.83 -1.13 -9.96
N ALA A 12 -8.68 -0.34 -10.63
CA ALA A 12 -9.81 -0.83 -11.43
C ALA A 12 -9.38 -1.72 -12.63
N ASN A 13 -8.14 -1.57 -13.11
CA ASN A 13 -7.52 -2.41 -14.15
C ASN A 13 -6.96 -3.77 -13.63
N GLY A 14 -7.01 -4.02 -12.32
CA GLY A 14 -6.51 -5.25 -11.68
C GLY A 14 -5.04 -5.23 -11.24
N THR A 15 -4.40 -4.04 -11.15
CA THR A 15 -2.99 -3.91 -10.74
C THR A 15 -2.95 -3.63 -9.23
N VAL A 16 -2.14 -4.40 -8.50
CA VAL A 16 -2.02 -4.34 -7.02
C VAL A 16 -0.87 -3.41 -6.64
N TYR A 17 -1.05 -2.69 -5.52
CA TYR A 17 -0.08 -1.79 -4.92
C TYR A 17 -0.24 -1.77 -3.39
N TYR A 18 0.59 -0.99 -2.70
CA TYR A 18 0.58 -0.81 -1.25
C TYR A 18 0.11 0.60 -0.86
N PHE A 19 -0.72 0.72 0.18
CA PHE A 19 -1.31 1.98 0.62
C PHE A 19 -1.35 2.16 2.13
N ASN A 20 -0.99 3.34 2.63
CA ASN A 20 -1.00 3.66 4.06
C ASN A 20 -2.26 4.44 4.44
N HIS A 21 -3.14 3.84 5.25
CA HIS A 21 -4.42 4.46 5.63
C HIS A 21 -4.27 5.55 6.71
N ILE A 22 -3.15 5.56 7.45
CA ILE A 22 -2.82 6.53 8.50
C ILE A 22 -2.21 7.81 7.91
N THR A 23 -1.35 7.67 6.89
CA THR A 23 -0.53 8.75 6.30
C THR A 23 -0.88 9.17 4.88
N ASN A 24 -1.78 8.44 4.22
CA ASN A 24 -2.16 8.58 2.80
C ASN A 24 -1.00 8.34 1.80
N ALA A 25 0.15 7.82 2.23
CA ALA A 25 1.24 7.39 1.35
C ALA A 25 0.85 6.18 0.49
N SER A 26 1.49 6.01 -0.68
CA SER A 26 1.30 4.86 -1.59
C SER A 26 2.61 4.43 -2.25
N GLN A 27 2.74 3.14 -2.57
CA GLN A 27 3.91 2.54 -3.24
C GLN A 27 3.56 1.35 -4.15
N PHE A 28 4.24 1.26 -5.30
CA PHE A 28 4.19 0.07 -6.16
C PHE A 28 5.04 -1.13 -5.68
N GLU A 29 6.02 -0.86 -4.81
CA GLU A 29 6.91 -1.83 -4.17
C GLU A 29 6.60 -1.98 -2.67
N ARG A 30 6.79 -3.19 -2.12
CA ARG A 30 6.48 -3.53 -0.72
C ARG A 30 7.22 -2.61 0.29
N PRO A 31 6.50 -1.93 1.21
CA PRO A 31 7.07 -0.87 2.06
C PRO A 31 7.91 -1.39 3.24
N SER A 32 8.96 -0.63 3.58
CA SER A 32 9.83 -0.87 4.75
C SER A 32 9.49 -0.01 5.99
N GLY A 33 8.76 1.10 5.80
CA GLY A 33 8.36 2.06 6.85
C GLY A 33 7.66 3.30 6.31
N LYS A 1 3.40 -9.22 9.33
CA LYS A 1 2.50 -8.27 8.61
C LYS A 1 3.25 -6.98 8.26
N LEU A 2 2.69 -6.17 7.35
CA LEU A 2 3.20 -4.86 6.93
C LEU A 2 3.37 -3.85 8.10
N PRO A 3 4.16 -2.77 7.94
CA PRO A 3 4.40 -1.76 8.98
C PRO A 3 3.14 -0.95 9.35
N PRO A 4 3.19 -0.11 10.42
CA PRO A 4 2.04 0.64 10.91
C PRO A 4 1.28 1.44 9.84
N GLY A 5 -0.02 1.16 9.72
CA GLY A 5 -0.95 1.78 8.77
C GLY A 5 -0.88 1.26 7.32
N TRP A 6 0.15 0.48 6.94
CA TRP A 6 0.26 -0.11 5.59
C TRP A 6 -0.66 -1.32 5.35
N GLU A 7 -1.22 -1.41 4.14
CA GLU A 7 -2.03 -2.52 3.65
C GLU A 7 -1.94 -2.62 2.11
N LYS A 8 -2.18 -3.81 1.54
CA LYS A 8 -2.32 -3.98 0.08
C LYS A 8 -3.62 -3.38 -0.46
N ARG A 9 -3.55 -2.83 -1.68
CA ARG A 9 -4.63 -2.13 -2.39
C ARG A 9 -4.55 -2.44 -3.89
N MET A 10 -5.58 -2.10 -4.67
CA MET A 10 -5.68 -2.53 -6.08
C MET A 10 -6.53 -1.56 -6.91
N PHE A 11 -6.04 -1.25 -8.11
CA PHE A 11 -6.71 -0.44 -9.13
C PHE A 11 -7.88 -1.13 -9.85
N ALA A 12 -8.77 -0.37 -10.49
CA ALA A 12 -9.92 -0.89 -11.24
C ALA A 12 -9.54 -1.79 -12.44
N ASN A 13 -8.32 -1.63 -12.97
CA ASN A 13 -7.72 -2.47 -14.02
C ASN A 13 -7.15 -3.83 -13.52
N GLY A 14 -7.14 -4.06 -12.20
CA GLY A 14 -6.62 -5.28 -11.57
C GLY A 14 -5.12 -5.24 -11.18
N THR A 15 -4.50 -4.07 -11.12
CA THR A 15 -3.07 -3.91 -10.76
C THR A 15 -2.98 -3.62 -9.25
N VAL A 16 -2.13 -4.36 -8.54
CA VAL A 16 -1.98 -4.29 -7.08
C VAL A 16 -0.82 -3.35 -6.72
N TYR A 17 -0.97 -2.64 -5.60
CA TYR A 17 0.02 -1.73 -5.02
C TYR A 17 -0.11 -1.72 -3.48
N TYR A 18 0.73 -0.94 -2.81
CA TYR A 18 0.76 -0.76 -1.35
C TYR A 18 0.29 0.63 -0.93
N PHE A 19 -0.52 0.71 0.13
CA PHE A 19 -1.15 1.96 0.58
C PHE A 19 -1.19 2.11 2.11
N ASN A 20 -0.92 3.31 2.62
CA ASN A 20 -0.97 3.61 4.04
C ASN A 20 -2.22 4.43 4.39
N HIS A 21 -3.14 3.87 5.18
CA HIS A 21 -4.42 4.53 5.51
C HIS A 21 -4.28 5.62 6.59
N ILE A 22 -3.18 5.61 7.37
CA ILE A 22 -2.88 6.59 8.42
C ILE A 22 -2.24 7.86 7.83
N THR A 23 -1.35 7.68 6.84
CA THR A 23 -0.50 8.74 6.25
C THR A 23 -0.83 9.15 4.82
N ASN A 24 -1.72 8.41 4.15
CA ASN A 24 -2.07 8.52 2.73
C ASN A 24 -0.90 8.28 1.74
N ALA A 25 0.23 7.74 2.21
CA ALA A 25 1.35 7.31 1.35
C ALA A 25 0.98 6.11 0.46
N SER A 26 1.63 5.99 -0.71
CA SER A 26 1.41 4.91 -1.69
C SER A 26 2.70 4.50 -2.40
N GLN A 27 2.85 3.21 -2.72
CA GLN A 27 4.00 2.64 -3.44
C GLN A 27 3.62 1.45 -4.33
N PHE A 28 4.30 1.30 -5.48
CA PHE A 28 4.22 0.09 -6.32
C PHE A 28 5.03 -1.12 -5.81
N GLU A 29 6.02 -0.86 -4.95
CA GLU A 29 6.83 -1.85 -4.24
C GLU A 29 6.50 -1.85 -2.73
N ARG A 30 6.75 -2.95 -2.01
CA ARG A 30 6.43 -3.06 -0.57
C ARG A 30 7.14 -1.98 0.28
N PRO A 31 6.53 -1.52 1.39
CA PRO A 31 7.14 -0.56 2.31
C PRO A 31 8.35 -1.15 3.05
N SER A 32 9.36 -0.32 3.31
CA SER A 32 10.64 -0.74 3.94
C SER A 32 10.54 -0.99 5.45
N GLY A 33 9.57 -0.36 6.13
CA GLY A 33 9.40 -0.40 7.60
C GLY A 33 10.52 0.32 8.36
N LYS A 1 2.98 -8.39 9.26
CA LYS A 1 2.87 -8.41 7.78
C LYS A 1 3.52 -7.19 7.15
N LEU A 2 2.90 -6.01 7.30
CA LEU A 2 3.34 -4.71 6.76
C LEU A 2 3.67 -3.69 7.89
N PRO A 3 4.41 -2.59 7.61
CA PRO A 3 4.73 -1.56 8.61
C PRO A 3 3.49 -0.75 9.06
N PRO A 4 3.61 0.12 10.08
CA PRO A 4 2.48 0.85 10.67
C PRO A 4 1.60 1.61 9.64
N GLY A 5 0.31 1.25 9.62
CA GLY A 5 -0.72 1.83 8.75
C GLY A 5 -0.74 1.33 7.29
N TRP A 6 0.27 0.58 6.83
CA TRP A 6 0.30 0.01 5.48
C TRP A 6 -0.62 -1.21 5.28
N GLU A 7 -1.29 -1.28 4.12
CA GLU A 7 -2.13 -2.40 3.69
C GLU A 7 -2.18 -2.51 2.14
N LYS A 8 -2.40 -3.71 1.60
CA LYS A 8 -2.57 -3.93 0.15
C LYS A 8 -3.87 -3.33 -0.41
N ARG A 9 -3.77 -2.85 -1.65
CA ARG A 9 -4.85 -2.20 -2.43
C ARG A 9 -4.70 -2.55 -3.93
N MET A 10 -5.70 -2.24 -4.76
CA MET A 10 -5.73 -2.65 -6.17
C MET A 10 -6.58 -1.70 -7.02
N PHE A 11 -6.07 -1.34 -8.19
CA PHE A 11 -6.72 -0.53 -9.21
C PHE A 11 -7.84 -1.24 -9.99
N ALA A 12 -8.73 -0.49 -10.64
CA ALA A 12 -9.83 -1.03 -11.46
C ALA A 12 -9.37 -1.86 -12.68
N ASN A 13 -8.13 -1.64 -13.15
CA ASN A 13 -7.47 -2.43 -14.21
C ASN A 13 -6.86 -3.77 -13.72
N GLY A 14 -6.90 -4.06 -12.41
CA GLY A 14 -6.36 -5.28 -11.80
C GLY A 14 -4.89 -5.21 -11.34
N THR A 15 -4.31 -4.01 -11.21
CA THR A 15 -2.90 -3.82 -10.78
C THR A 15 -2.89 -3.58 -9.26
N VAL A 16 -2.05 -4.32 -8.55
CA VAL A 16 -1.96 -4.30 -7.07
C VAL A 16 -0.84 -3.34 -6.65
N TYR A 17 -1.05 -2.65 -5.53
CA TYR A 17 -0.11 -1.73 -4.91
C TYR A 17 -0.30 -1.71 -3.38
N TYR A 18 0.51 -0.92 -2.68
CA TYR A 18 0.49 -0.74 -1.23
C TYR A 18 0.05 0.68 -0.84
N PHE A 19 -0.79 0.80 0.19
CA PHE A 19 -1.37 2.07 0.63
C PHE A 19 -1.39 2.23 2.15
N ASN A 20 -1.03 3.41 2.66
CA ASN A 20 -1.01 3.70 4.08
C ASN A 20 -2.26 4.48 4.51
N HIS A 21 -3.12 3.87 5.35
CA HIS A 21 -4.39 4.48 5.78
C HIS A 21 -4.21 5.58 6.86
N ILE A 22 -3.06 5.59 7.56
CA ILE A 22 -2.70 6.55 8.60
C ILE A 22 -2.11 7.84 8.00
N THR A 23 -1.27 7.69 6.96
CA THR A 23 -0.46 8.77 6.35
C THR A 23 -0.85 9.20 4.93
N ASN A 24 -1.76 8.46 4.29
CA ASN A 24 -2.16 8.59 2.87
C ASN A 24 -1.02 8.38 1.85
N ALA A 25 0.13 7.84 2.26
CA ALA A 25 1.21 7.45 1.35
C ALA A 25 0.83 6.21 0.49
N SER A 26 1.49 6.05 -0.66
CA SER A 26 1.31 4.91 -1.58
C SER A 26 2.63 4.45 -2.20
N GLN A 27 2.74 3.16 -2.52
CA GLN A 27 3.90 2.53 -3.19
C GLN A 27 3.52 1.37 -4.11
N PHE A 28 4.19 1.26 -5.26
CA PHE A 28 4.10 0.09 -6.14
C PHE A 28 4.92 -1.14 -5.67
N GLU A 29 5.90 -0.90 -4.80
CA GLU A 29 6.78 -1.90 -4.18
C GLU A 29 6.48 -2.08 -2.68
N ARG A 30 6.61 -3.32 -2.17
CA ARG A 30 6.30 -3.68 -0.77
C ARG A 30 7.13 -2.86 0.24
N PRO A 31 6.50 -2.12 1.18
CA PRO A 31 7.20 -1.16 2.05
C PRO A 31 8.04 -1.81 3.15
N SER A 32 9.17 -1.17 3.46
CA SER A 32 10.25 -1.71 4.31
C SER A 32 10.82 -3.04 3.77
N GLY A 33 10.54 -3.37 2.49
CA GLY A 33 11.04 -4.56 1.78
C GLY A 33 12.55 -4.57 1.58
N LYS A 1 2.24 -8.68 8.38
CA LYS A 1 2.36 -8.50 6.92
C LYS A 1 3.22 -7.28 6.54
N LEU A 2 2.71 -6.07 6.81
CA LEU A 2 3.24 -4.77 6.36
C LEU A 2 3.59 -3.85 7.55
N PRO A 3 4.34 -2.75 7.34
CA PRO A 3 4.71 -1.79 8.40
C PRO A 3 3.49 -1.00 8.92
N PRO A 4 3.63 -0.23 10.02
CA PRO A 4 2.51 0.47 10.67
C PRO A 4 1.67 1.35 9.73
N GLY A 5 0.37 1.06 9.65
CA GLY A 5 -0.61 1.76 8.82
C GLY A 5 -0.74 1.28 7.36
N TRP A 6 0.22 0.51 6.83
CA TRP A 6 0.18 -0.01 5.46
C TRP A 6 -0.79 -1.20 5.27
N GLU A 7 -1.47 -1.24 4.12
CA GLU A 7 -2.33 -2.35 3.68
C GLU A 7 -2.39 -2.43 2.13
N LYS A 8 -2.68 -3.63 1.58
CA LYS A 8 -2.87 -3.86 0.14
C LYS A 8 -4.09 -3.17 -0.46
N ARG A 9 -3.94 -2.74 -1.72
CA ARG A 9 -4.96 -2.17 -2.62
C ARG A 9 -4.82 -2.73 -4.04
N MET A 10 -5.80 -2.46 -4.90
CA MET A 10 -5.78 -2.87 -6.31
C MET A 10 -6.66 -1.95 -7.18
N PHE A 11 -6.11 -1.55 -8.33
CA PHE A 11 -6.78 -0.77 -9.37
C PHE A 11 -7.84 -1.54 -10.19
N ALA A 12 -8.74 -0.83 -10.88
CA ALA A 12 -9.78 -1.42 -11.72
C ALA A 12 -9.24 -2.24 -12.92
N ASN A 13 -8.00 -1.96 -13.36
CA ASN A 13 -7.25 -2.72 -14.37
C ASN A 13 -6.62 -4.04 -13.86
N GLY A 14 -6.69 -4.32 -12.55
CA GLY A 14 -6.10 -5.51 -11.92
C GLY A 14 -4.66 -5.35 -11.42
N THR A 15 -4.15 -4.12 -11.30
CA THR A 15 -2.76 -3.84 -10.84
C THR A 15 -2.80 -3.58 -9.33
N VAL A 16 -1.92 -4.25 -8.59
CA VAL A 16 -1.88 -4.22 -7.11
C VAL A 16 -0.86 -3.16 -6.64
N TYR A 17 -1.18 -2.50 -5.52
CA TYR A 17 -0.31 -1.53 -4.85
C TYR A 17 -0.52 -1.58 -3.32
N TYR A 18 0.21 -0.74 -2.60
CA TYR A 18 0.17 -0.62 -1.14
C TYR A 18 -0.19 0.82 -0.74
N PHE A 19 -0.96 0.97 0.34
CA PHE A 19 -1.45 2.26 0.83
C PHE A 19 -1.40 2.38 2.35
N ASN A 20 -0.92 3.50 2.88
CA ASN A 20 -0.87 3.76 4.31
C ASN A 20 -2.08 4.61 4.76
N HIS A 21 -2.95 4.05 5.61
CA HIS A 21 -4.18 4.72 6.04
C HIS A 21 -3.94 5.87 7.04
N ILE A 22 -2.80 5.84 7.76
CA ILE A 22 -2.43 6.82 8.79
C ILE A 22 -1.80 8.08 8.16
N THR A 23 -0.96 7.87 7.14
CA THR A 23 -0.12 8.91 6.50
C THR A 23 -0.55 9.33 5.10
N ASN A 24 -1.51 8.62 4.49
CA ASN A 24 -1.94 8.74 3.10
C ASN A 24 -0.85 8.48 2.04
N ALA A 25 0.30 7.89 2.43
CA ALA A 25 1.33 7.44 1.49
C ALA A 25 0.85 6.27 0.61
N SER A 26 1.41 6.14 -0.60
CA SER A 26 1.16 5.03 -1.53
C SER A 26 2.46 4.57 -2.24
N GLN A 27 2.54 3.28 -2.59
CA GLN A 27 3.69 2.69 -3.29
C GLN A 27 3.29 1.45 -4.11
N PHE A 28 3.94 1.24 -5.25
CA PHE A 28 3.87 0.01 -6.04
C PHE A 28 4.75 -1.13 -5.52
N GLU A 29 5.90 -0.78 -4.94
CA GLU A 29 6.83 -1.69 -4.26
C GLU A 29 6.38 -2.00 -2.82
N ARG A 30 6.61 -3.22 -2.33
CA ARG A 30 6.26 -3.62 -0.95
C ARG A 30 7.01 -2.76 0.08
N PRO A 31 6.32 -2.04 0.98
CA PRO A 31 6.92 -1.02 1.87
C PRO A 31 7.76 -1.61 3.01
N SER A 32 8.84 -0.92 3.37
CA SER A 32 9.72 -1.24 4.51
C SER A 32 9.46 -0.39 5.77
N GLY A 33 8.79 0.77 5.63
CA GLY A 33 8.46 1.70 6.72
C GLY A 33 7.82 3.00 6.23
N LYS A 1 3.55 -8.10 9.39
CA LYS A 1 4.21 -8.23 8.06
C LYS A 1 4.54 -6.86 7.45
N LEU A 2 3.55 -6.02 7.16
CA LEU A 2 3.73 -4.64 6.66
C LEU A 2 4.05 -3.65 7.82
N PRO A 3 4.64 -2.47 7.55
CA PRO A 3 4.87 -1.43 8.56
C PRO A 3 3.55 -0.79 9.06
N PRO A 4 3.55 0.00 10.15
CA PRO A 4 2.32 0.53 10.75
C PRO A 4 1.51 1.41 9.78
N GLY A 5 0.21 1.11 9.67
CA GLY A 5 -0.75 1.78 8.79
C GLY A 5 -0.78 1.30 7.33
N TRP A 6 0.23 0.55 6.87
CA TRP A 6 0.27 0.00 5.51
C TRP A 6 -0.64 -1.21 5.30
N GLU A 7 -1.29 -1.27 4.14
CA GLU A 7 -2.17 -2.35 3.67
C GLU A 7 -2.03 -2.54 2.14
N LYS A 8 -2.37 -3.74 1.63
CA LYS A 8 -2.49 -3.97 0.18
C LYS A 8 -3.76 -3.34 -0.40
N ARG A 9 -3.65 -2.86 -1.64
CA ARG A 9 -4.68 -2.14 -2.41
C ARG A 9 -4.63 -2.56 -3.88
N MET A 10 -5.64 -2.19 -4.68
CA MET A 10 -5.73 -2.59 -6.08
C MET A 10 -6.57 -1.62 -6.92
N PHE A 11 -6.06 -1.28 -8.11
CA PHE A 11 -6.71 -0.45 -9.12
C PHE A 11 -7.87 -1.12 -9.89
N ALA A 12 -8.72 -0.32 -10.54
CA ALA A 12 -9.85 -0.82 -11.35
C ALA A 12 -9.41 -1.68 -12.56
N ASN A 13 -8.18 -1.51 -13.04
CA ASN A 13 -7.55 -2.34 -14.09
C ASN A 13 -6.97 -3.70 -13.58
N GLY A 14 -7.07 -3.98 -12.28
CA GLY A 14 -6.55 -5.21 -11.66
C GLY A 14 -5.08 -5.16 -11.23
N THR A 15 -4.48 -3.98 -11.09
CA THR A 15 -3.07 -3.78 -10.71
C THR A 15 -2.97 -3.56 -9.20
N VAL A 16 -2.11 -4.32 -8.52
CA VAL A 16 -1.97 -4.30 -7.05
C VAL A 16 -0.85 -3.33 -6.65
N TYR A 17 -1.05 -2.63 -5.54
CA TYR A 17 -0.10 -1.71 -4.93
C TYR A 17 -0.23 -1.72 -3.39
N TYR A 18 0.58 -0.93 -2.71
CA TYR A 18 0.59 -0.76 -1.25
C TYR A 18 0.14 0.66 -0.87
N PHE A 19 -0.65 0.79 0.19
CA PHE A 19 -1.25 2.06 0.62
C PHE A 19 -1.30 2.20 2.15
N ASN A 20 -0.90 3.34 2.70
CA ASN A 20 -0.98 3.63 4.12
C ASN A 20 -2.29 4.39 4.44
N HIS A 21 -3.18 3.78 5.22
CA HIS A 21 -4.49 4.36 5.54
C HIS A 21 -4.42 5.53 6.54
N ILE A 22 -3.33 5.63 7.32
CA ILE A 22 -3.10 6.65 8.35
C ILE A 22 -2.46 7.92 7.75
N THR A 23 -1.52 7.74 6.82
CA THR A 23 -0.67 8.80 6.24
C THR A 23 -0.98 9.18 4.78
N ASN A 24 -1.84 8.40 4.11
CA ASN A 24 -2.15 8.48 2.69
C ASN A 24 -0.95 8.24 1.73
N ALA A 25 0.18 7.72 2.23
CA ALA A 25 1.31 7.31 1.40
C ALA A 25 0.95 6.10 0.50
N SER A 26 1.63 5.96 -0.64
CA SER A 26 1.41 4.88 -1.64
C SER A 26 2.71 4.43 -2.31
N GLN A 27 2.83 3.12 -2.60
CA GLN A 27 3.97 2.52 -3.31
C GLN A 27 3.58 1.33 -4.19
N PHE A 28 4.27 1.18 -5.33
CA PHE A 28 4.19 -0.03 -6.17
C PHE A 28 5.01 -1.23 -5.67
N GLU A 29 6.00 -0.97 -4.81
CA GLU A 29 6.87 -1.94 -4.15
C GLU A 29 6.59 -2.03 -2.63
N ARG A 30 6.81 -3.21 -2.04
CA ARG A 30 6.53 -3.51 -0.63
C ARG A 30 7.22 -2.51 0.33
N PRO A 31 6.48 -1.80 1.20
CA PRO A 31 6.99 -0.68 2.01
C PRO A 31 7.88 -1.11 3.18
N SER A 32 8.92 -0.32 3.47
CA SER A 32 9.83 -0.49 4.61
C SER A 32 9.46 0.35 5.86
N GLY A 33 8.69 1.43 5.68
CA GLY A 33 8.26 2.35 6.75
C GLY A 33 7.53 3.59 6.23
N LYS A 1 2.82 -8.82 9.64
CA LYS A 1 2.30 -8.19 8.40
C LYS A 1 3.11 -6.94 8.01
N LEU A 2 2.60 -6.13 7.08
CA LEU A 2 3.15 -4.83 6.64
C LEU A 2 3.34 -3.83 7.81
N PRO A 3 4.16 -2.76 7.64
CA PRO A 3 4.45 -1.78 8.70
C PRO A 3 3.22 -0.96 9.14
N PRO A 4 3.31 -0.16 10.23
CA PRO A 4 2.19 0.60 10.78
C PRO A 4 1.42 1.44 9.75
N GLY A 5 0.11 1.20 9.65
CA GLY A 5 -0.81 1.86 8.73
C GLY A 5 -0.85 1.30 7.30
N TRP A 6 0.14 0.52 6.87
CA TRP A 6 0.19 -0.08 5.53
C TRP A 6 -0.74 -1.29 5.34
N GLU A 7 -1.32 -1.41 4.15
CA GLU A 7 -2.09 -2.59 3.69
C GLU A 7 -2.03 -2.71 2.16
N LYS A 8 -2.28 -3.92 1.62
CA LYS A 8 -2.44 -4.13 0.17
C LYS A 8 -3.69 -3.44 -0.40
N ARG A 9 -3.56 -2.97 -1.63
CA ARG A 9 -4.53 -2.15 -2.38
C ARG A 9 -4.54 -2.55 -3.85
N MET A 10 -5.55 -2.15 -4.62
CA MET A 10 -5.68 -2.55 -6.03
C MET A 10 -6.51 -1.54 -6.85
N PHE A 11 -6.02 -1.23 -8.05
CA PHE A 11 -6.67 -0.40 -9.05
C PHE A 11 -7.86 -1.05 -9.78
N ALA A 12 -8.73 -0.25 -10.41
CA ALA A 12 -9.88 -0.74 -11.19
C ALA A 12 -9.48 -1.60 -12.41
N ASN A 13 -8.26 -1.45 -12.92
CA ASN A 13 -7.66 -2.26 -13.99
C ASN A 13 -7.11 -3.64 -13.51
N GLY A 14 -7.12 -3.92 -12.20
CA GLY A 14 -6.63 -5.16 -11.60
C GLY A 14 -5.14 -5.17 -11.20
N THR A 15 -4.47 -4.00 -11.11
CA THR A 15 -3.06 -3.88 -10.73
C THR A 15 -2.97 -3.63 -9.22
N VAL A 16 -2.13 -4.38 -8.53
CA VAL A 16 -1.97 -4.35 -7.05
C VAL A 16 -0.82 -3.41 -6.68
N TYR A 17 -0.98 -2.72 -5.55
CA TYR A 17 0.01 -1.81 -4.95
C TYR A 17 -0.18 -1.78 -3.42
N TYR A 18 0.64 -1.00 -2.72
CA TYR A 18 0.61 -0.84 -1.26
C TYR A 18 0.15 0.57 -0.86
N PHE A 19 -0.69 0.68 0.17
CA PHE A 19 -1.28 1.94 0.62
C PHE A 19 -1.29 2.11 2.14
N ASN A 20 -0.93 3.30 2.64
CA ASN A 20 -0.98 3.63 4.06
C ASN A 20 -2.25 4.42 4.40
N HIS A 21 -3.13 3.85 5.23
CA HIS A 21 -4.41 4.46 5.59
C HIS A 21 -4.27 5.64 6.58
N ILE A 22 -3.17 5.69 7.35
CA ILE A 22 -2.89 6.71 8.37
C ILE A 22 -2.29 7.97 7.73
N THR A 23 -1.40 7.78 6.75
CA THR A 23 -0.57 8.84 6.13
C THR A 23 -0.93 9.22 4.69
N ASN A 24 -1.82 8.44 4.05
CA ASN A 24 -2.19 8.51 2.63
C ASN A 24 -1.02 8.28 1.64
N ALA A 25 0.13 7.76 2.12
CA ALA A 25 1.23 7.34 1.25
C ALA A 25 0.86 6.11 0.40
N SER A 26 1.51 5.95 -0.76
CA SER A 26 1.31 4.82 -1.68
C SER A 26 2.62 4.40 -2.36
N GLN A 27 2.77 3.10 -2.67
CA GLN A 27 3.94 2.52 -3.35
C GLN A 27 3.62 1.32 -4.23
N PHE A 28 4.31 1.20 -5.37
CA PHE A 28 4.30 0.00 -6.22
C PHE A 28 5.20 -1.16 -5.74
N GLU A 29 6.17 -0.84 -4.89
CA GLU A 29 7.08 -1.77 -4.19
C GLU A 29 6.75 -1.83 -2.69
N ARG A 30 7.05 -2.95 -2.01
CA ARG A 30 6.65 -3.16 -0.61
C ARG A 30 7.22 -2.09 0.35
N PRO A 31 6.44 -1.60 1.32
CA PRO A 31 6.86 -0.61 2.31
C PRO A 31 7.73 -1.21 3.43
N SER A 32 8.51 -0.37 4.10
CA SER A 32 9.41 -0.76 5.20
C SER A 32 9.33 0.16 6.44
N GLY A 33 8.46 1.19 6.43
CA GLY A 33 8.24 2.13 7.54
C GLY A 33 7.51 3.40 7.11
N LYS A 1 3.72 -8.94 8.84
CA LYS A 1 2.89 -8.44 7.70
C LYS A 1 3.52 -7.20 7.07
N LEU A 2 3.15 -5.99 7.50
CA LEU A 2 3.51 -4.69 6.91
C LEU A 2 3.83 -3.64 8.02
N PRO A 3 4.52 -2.52 7.69
CA PRO A 3 4.82 -1.46 8.66
C PRO A 3 3.56 -0.68 9.10
N PRO A 4 3.65 0.21 10.12
CA PRO A 4 2.50 0.92 10.67
C PRO A 4 1.63 1.65 9.64
N GLY A 5 0.34 1.28 9.59
CA GLY A 5 -0.67 1.85 8.70
C GLY A 5 -0.73 1.28 7.28
N TRP A 6 0.27 0.51 6.83
CA TRP A 6 0.31 -0.08 5.48
C TRP A 6 -0.62 -1.29 5.29
N GLU A 7 -1.27 -1.37 4.13
CA GLU A 7 -2.12 -2.48 3.68
C GLU A 7 -2.16 -2.57 2.14
N LYS A 8 -2.38 -3.77 1.59
CA LYS A 8 -2.54 -3.98 0.13
C LYS A 8 -3.84 -3.40 -0.42
N ARG A 9 -3.76 -2.90 -1.65
CA ARG A 9 -4.85 -2.26 -2.42
C ARG A 9 -4.71 -2.58 -3.91
N MET A 10 -5.69 -2.23 -4.74
CA MET A 10 -5.76 -2.63 -6.15
C MET A 10 -6.58 -1.64 -6.98
N PHE A 11 -6.04 -1.28 -8.15
CA PHE A 11 -6.66 -0.43 -9.17
C PHE A 11 -7.81 -1.08 -9.95
N ALA A 12 -8.65 -0.28 -10.61
CA ALA A 12 -9.78 -0.75 -11.43
C ALA A 12 -9.34 -1.61 -12.64
N ASN A 13 -8.10 -1.47 -13.11
CA ASN A 13 -7.47 -2.29 -14.16
C ASN A 13 -6.95 -3.66 -13.67
N GLY A 14 -7.00 -3.94 -12.36
CA GLY A 14 -6.52 -5.20 -11.75
C GLY A 14 -5.06 -5.20 -11.28
N THR A 15 -4.41 -4.04 -11.16
CA THR A 15 -3.00 -3.92 -10.72
C THR A 15 -2.97 -3.68 -9.22
N VAL A 16 -2.12 -4.42 -8.50
CA VAL A 16 -2.00 -4.38 -7.03
C VAL A 16 -0.86 -3.41 -6.64
N TYR A 17 -1.05 -2.72 -5.52
CA TYR A 17 -0.07 -1.80 -4.92
C TYR A 17 -0.28 -1.77 -3.39
N TYR A 18 0.54 -0.98 -2.70
CA TYR A 18 0.51 -0.78 -1.25
C TYR A 18 0.05 0.62 -0.85
N PHE A 19 -0.77 0.73 0.19
CA PHE A 19 -1.36 2.00 0.63
C PHE A 19 -1.36 2.16 2.16
N ASN A 20 -0.99 3.35 2.66
CA ASN A 20 -0.99 3.65 4.09
C ASN A 20 -2.27 4.42 4.49
N HIS A 21 -3.11 3.81 5.33
CA HIS A 21 -4.39 4.40 5.75
C HIS A 21 -4.23 5.56 6.75
N ILE A 22 -3.11 5.61 7.48
CA ILE A 22 -2.80 6.62 8.51
C ILE A 22 -2.23 7.90 7.87
N THR A 23 -1.37 7.74 6.87
CA THR A 23 -0.57 8.81 6.24
C THR A 23 -0.97 9.20 4.81
N ASN A 24 -1.86 8.44 4.18
CA ASN A 24 -2.26 8.53 2.77
C ASN A 24 -1.12 8.31 1.75
N ALA A 25 0.05 7.81 2.19
CA ALA A 25 1.14 7.40 1.30
C ALA A 25 0.77 6.17 0.45
N SER A 26 1.43 6.01 -0.71
CA SER A 26 1.26 4.86 -1.61
C SER A 26 2.57 4.41 -2.24
N GLN A 27 2.70 3.12 -2.55
CA GLN A 27 3.89 2.51 -3.17
C GLN A 27 3.56 1.33 -4.11
N PHE A 28 4.28 1.25 -5.23
CA PHE A 28 4.26 0.08 -6.12
C PHE A 28 5.11 -1.11 -5.66
N GLU A 29 6.05 -0.85 -4.74
CA GLU A 29 6.93 -1.84 -4.10
C GLU A 29 6.58 -2.05 -2.62
N ARG A 30 6.78 -3.27 -2.11
CA ARG A 30 6.40 -3.69 -0.75
C ARG A 30 7.14 -2.88 0.34
N PRO A 31 6.44 -2.18 1.25
CA PRO A 31 7.04 -1.22 2.19
C PRO A 31 7.78 -1.91 3.34
N SER A 32 8.93 -1.35 3.74
CA SER A 32 9.87 -1.96 4.71
C SER A 32 10.19 -1.08 5.94
N GLY A 33 9.46 0.03 6.12
CA GLY A 33 9.62 0.97 7.24
C GLY A 33 8.57 2.09 7.25
#